data_9JY2
#
_entry.id   9JY2
#
_cell.length_a   1.00
_cell.length_b   1.00
_cell.length_c   1.00
_cell.angle_alpha   90.00
_cell.angle_beta   90.00
_cell.angle_gamma   90.00
#
_symmetry.space_group_name_H-M   'P 1'
#
loop_
_entity.id
_entity.type
_entity.pdbx_description
1 polymer 'T-cell surface glycoprotein CD3 zeta chain'
2 polymer 'T-cell surface glycoprotein CD3 delta chain'
3 polymer 'T-cell surface glycoprotein CD3 epsilon chain'
4 polymer 'T-cell surface glycoprotein CD3 gamma chain'
5 polymer 'T cell receptor delta constant'
6 polymer 'T cell receptor gamma constant 1'
7 polymer 'Fab light chain'
8 polymer 'Fab heavy chain'
9 non-polymer CHOLESTEROL
10 non-polymer 2-acetamido-2-deoxy-beta-D-glucopyranose
#
loop_
_entity_poly.entity_id
_entity_poly.type
_entity_poly.pdbx_seq_one_letter_code
_entity_poly.pdbx_strand_id
1 'polypeptide(L)' LLDPKLCYLLDGILFIYGVILTALFLRVKFS a,b
2 'polypeptide(L)'
;FKIPIEELEDRVFVNCNTSITWVEGTVGTLLSDITRLDLGKRILDPRGIYRCNGTDIYKDKESTVQVHYRMCQSCVELDP
ATVAGIIVTDVIATLLLALGVFCFA
;
d
3 'polypeptide(L)'
;QTPYKVSISGTTVILTCPQYPGSEILWQHNDKNIGGDEDDKNIGSDEDHLSLKEFSELEQSGYYVCYPRGSKPEDANFYL
YLRARVCENCMEMDVMSVATIVIVDICITGGLLLLVYYWSKN
;
e,f
4 'polypeptide(L)'
;KGNHLVKVYDYQEDGSVLLTCDAEAKNITWFKDGKMIGFLTEDKKKWNLGSNAKDPRGMYQCKGSQNKSKPLQVYYRMCQ
NCIELNAATISGFLFAEIVSIFVLAVGVYFIAGQD
;
g
5 'polypeptide(L)' VHTEKVNMMSLTVLGLRMLFAKTVAVNFLLTAKLFF m
6 'polypeptide(L)' DTLLLQLTNTSAYYMYLLLLLKSVVYFAIITCCLLRRT n
7 'polypeptide(L)'
;DIQMTQTTSSLSASLGDRVTISCRASQDIRNYLNWYQQKPDGTVKLLIYYTSRLHSGVPSKFSGSGSGTDYSLTISNLEQ
EDIATYFCQQGNTLPWTFAGGTKL
;
A
8 'polypeptide(L)'
;EVQLQQSGPELVKPGASMKISCKASGYSFTGYTMNWVKQSHGKNLEWMGLINPYKGVSTYNQKFKDKATLTVDKSSSTAY
MELLSLTSEDSAVYYCARSGYYGDSDWYFDVWGQGTTLTVF
;
B
#
# COMPACT_ATOMS: atom_id res chain seq x y z
N LEU A 1 11.07 -12.00 9.94
CA LEU A 1 12.21 -11.56 10.75
C LEU A 1 13.50 -12.09 10.15
N LEU A 2 14.58 -11.31 10.27
CA LEU A 2 15.86 -11.75 9.76
C LEU A 2 16.53 -12.74 10.70
N ASP A 3 16.17 -12.71 11.99
CA ASP A 3 16.67 -13.59 13.03
C ASP A 3 18.15 -13.33 13.30
N PRO A 4 18.73 -13.89 14.36
CA PRO A 4 20.18 -13.73 14.57
C PRO A 4 21.02 -14.52 13.57
N LYS A 5 20.39 -15.29 12.68
CA LYS A 5 21.15 -16.07 11.71
C LYS A 5 21.96 -15.16 10.79
N LEU A 6 21.40 -14.03 10.39
CA LEU A 6 22.15 -13.10 9.55
C LEU A 6 23.40 -12.60 10.27
N CYS A 7 23.31 -12.38 11.57
CA CYS A 7 24.48 -11.94 12.32
C CYS A 7 25.57 -13.02 12.32
N TYR A 8 25.17 -14.29 12.45
CA TYR A 8 26.14 -15.38 12.35
C TYR A 8 26.70 -15.50 10.94
N LEU A 9 25.94 -15.03 9.95
CA LEU A 9 26.32 -15.23 8.55
C LEU A 9 27.66 -14.56 8.25
N LEU A 10 27.86 -13.32 8.71
CA LEU A 10 29.08 -12.60 8.38
C LEU A 10 30.22 -13.00 9.31
N ASP A 11 29.87 -13.36 10.54
CA ASP A 11 30.86 -13.94 11.44
C ASP A 11 31.46 -15.20 10.82
N GLY A 12 30.66 -15.96 10.09
CA GLY A 12 31.17 -17.12 9.40
C GLY A 12 32.24 -16.78 8.38
N ILE A 13 31.99 -15.75 7.56
CA ILE A 13 32.97 -15.40 6.53
C ILE A 13 34.25 -14.91 7.18
N LEU A 14 34.14 -14.14 8.25
CA LEU A 14 35.35 -13.61 8.86
C LEU A 14 36.14 -14.74 9.49
N PHE A 15 35.41 -15.71 10.08
CA PHE A 15 36.04 -16.91 10.61
C PHE A 15 36.80 -17.67 9.53
N ILE A 16 36.15 -17.92 8.39
CA ILE A 16 36.81 -18.73 7.36
C ILE A 16 38.05 -18.01 6.85
N TYR A 17 37.98 -16.68 6.72
CA TYR A 17 39.19 -15.95 6.35
C TYR A 17 40.29 -16.15 7.40
N GLY A 18 39.93 -16.09 8.68
CA GLY A 18 40.92 -16.35 9.72
C GLY A 18 41.53 -17.73 9.62
N VAL A 19 40.70 -18.73 9.32
CA VAL A 19 41.21 -20.10 9.26
C VAL A 19 42.11 -20.30 8.04
N ILE A 20 41.78 -19.68 6.91
CA ILE A 20 42.71 -19.76 5.78
C ILE A 20 44.03 -19.13 6.16
N LEU A 21 44.00 -17.97 6.82
CA LEU A 21 45.25 -17.33 7.18
C LEU A 21 46.09 -18.20 8.12
N THR A 22 45.46 -18.77 9.16
CA THR A 22 46.25 -19.55 10.11
C THR A 22 46.77 -20.84 9.47
N ALA A 23 45.93 -21.52 8.67
CA ALA A 23 46.40 -22.72 8.01
C ALA A 23 47.53 -22.42 7.03
N LEU A 24 47.45 -21.28 6.34
CA LEU A 24 48.55 -20.87 5.48
C LEU A 24 49.82 -20.67 6.29
N PHE A 25 49.72 -20.07 7.47
CA PHE A 25 50.91 -19.91 8.29
C PHE A 25 51.46 -21.26 8.74
N LEU A 26 50.59 -22.18 9.16
CA LEU A 26 51.07 -23.50 9.58
C LEU A 26 51.73 -24.24 8.43
N ARG A 27 51.27 -23.99 7.20
CA ARG A 27 51.96 -24.55 6.05
C ARG A 27 53.32 -23.87 5.84
N VAL A 28 53.39 -22.57 6.12
CA VAL A 28 54.65 -21.85 5.93
C VAL A 28 55.71 -22.33 6.92
N LYS A 29 55.34 -22.41 8.21
CA LYS A 29 56.26 -22.86 9.24
C LYS A 29 56.27 -24.38 9.30
N PHE A 30 57.46 -24.96 9.12
CA PHE A 30 57.64 -26.42 9.08
C PHE A 30 56.76 -26.94 7.94
N SER A 31 55.95 -27.97 8.17
CA SER A 31 55.09 -28.55 7.13
C SER A 31 55.90 -28.99 5.91
N LEU B 2 20.02 -13.24 23.07
CA LEU B 2 21.13 -14.06 23.52
C LEU B 2 22.12 -14.35 22.41
N ASP B 3 21.63 -14.99 21.35
CA ASP B 3 22.48 -15.31 20.22
C ASP B 3 23.18 -14.09 19.60
N PRO B 4 22.52 -12.93 19.43
CA PRO B 4 23.29 -11.76 18.95
C PRO B 4 24.45 -11.39 19.84
N LYS B 5 24.31 -11.53 21.15
CA LYS B 5 25.42 -11.22 22.05
C LYS B 5 26.56 -12.21 21.84
N LEU B 6 26.24 -13.49 21.64
CA LEU B 6 27.28 -14.46 21.34
C LEU B 6 27.96 -14.13 20.01
N CYS B 7 27.17 -13.70 19.02
CA CYS B 7 27.75 -13.31 17.74
C CYS B 7 28.72 -12.16 17.91
N TYR B 8 28.35 -11.16 18.70
CA TYR B 8 29.22 -10.00 18.89
C TYR B 8 30.47 -10.38 19.68
N LEU B 9 30.32 -11.25 20.67
CA LEU B 9 31.48 -11.72 21.43
C LEU B 9 32.45 -12.48 20.54
N LEU B 10 31.92 -13.34 19.66
CA LEU B 10 32.80 -14.06 18.74
C LEU B 10 33.40 -13.09 17.72
N ASP B 11 32.66 -12.05 17.36
CA ASP B 11 33.23 -10.98 16.54
C ASP B 11 34.49 -10.42 17.18
N GLY B 12 34.38 -10.01 18.45
CA GLY B 12 35.54 -9.41 19.10
C GLY B 12 36.70 -10.37 19.26
N ILE B 13 36.40 -11.59 19.74
CA ILE B 13 37.45 -12.58 19.94
C ILE B 13 38.15 -12.87 18.62
N LEU B 14 37.39 -13.10 17.56
CA LEU B 14 37.97 -13.54 16.30
C LEU B 14 38.65 -12.38 15.56
N PHE B 15 38.17 -11.16 15.76
CA PHE B 15 38.91 -10.00 15.27
C PHE B 15 40.29 -9.94 15.91
N ILE B 16 40.36 -10.07 17.23
CA ILE B 16 41.66 -10.08 17.89
C ILE B 16 42.52 -11.22 17.36
N TYR B 17 41.93 -12.41 17.22
CA TYR B 17 42.69 -13.55 16.74
C TYR B 17 43.24 -13.33 15.34
N GLY B 18 42.40 -12.80 14.44
CA GLY B 18 42.85 -12.59 13.07
C GLY B 18 43.93 -11.53 12.97
N VAL B 19 43.78 -10.44 13.73
CA VAL B 19 44.83 -9.42 13.75
C VAL B 19 46.13 -10.02 14.26
N ILE B 20 46.07 -10.78 15.36
CA ILE B 20 47.27 -11.38 15.93
C ILE B 20 47.92 -12.34 14.95
N LEU B 21 47.11 -13.16 14.28
CA LEU B 21 47.65 -14.14 13.36
C LEU B 21 48.28 -13.50 12.14
N THR B 22 47.64 -12.47 11.57
CA THR B 22 48.27 -11.79 10.44
C THR B 22 49.56 -11.09 10.87
N ALA B 23 49.55 -10.48 12.06
CA ALA B 23 50.74 -9.85 12.59
C ALA B 23 51.89 -10.84 12.69
N LEU B 24 51.65 -11.98 13.33
CA LEU B 24 52.74 -12.92 13.58
C LEU B 24 53.13 -13.66 12.31
N PHE B 25 52.18 -13.85 11.39
CA PHE B 25 52.52 -14.37 10.07
C PHE B 25 53.46 -13.44 9.33
N LEU B 26 53.18 -12.13 9.35
CA LEU B 26 54.09 -11.18 8.73
C LEU B 26 55.43 -11.17 9.45
N ARG B 27 55.41 -11.36 10.77
CA ARG B 27 56.66 -11.45 11.53
C ARG B 27 57.53 -12.58 11.00
N VAL B 28 56.93 -13.75 10.78
CA VAL B 28 57.70 -14.86 10.21
C VAL B 28 58.06 -14.58 8.76
N LYS B 29 57.22 -13.82 8.06
CA LYS B 29 57.50 -13.49 6.67
C LYS B 29 58.77 -12.65 6.54
N PHE B 30 59.05 -11.82 7.54
CA PHE B 30 60.25 -11.01 7.56
C PHE B 30 61.52 -11.86 7.48
N PHE C 1 -19.76 -15.92 -8.75
CA PHE C 1 -19.50 -17.05 -7.88
C PHE C 1 -18.16 -16.84 -7.16
N LYS C 2 -18.24 -16.50 -5.88
CA LYS C 2 -17.09 -16.23 -5.05
C LYS C 2 -16.87 -17.41 -4.11
N ILE C 3 -15.69 -17.99 -4.18
CA ILE C 3 -15.36 -19.09 -3.25
C ILE C 3 -14.92 -18.48 -1.93
N PRO C 4 -15.57 -18.81 -0.82
CA PRO C 4 -15.22 -18.18 0.46
C PRO C 4 -13.80 -18.49 0.89
N ILE C 5 -13.16 -17.51 1.50
CA ILE C 5 -11.87 -17.67 2.15
C ILE C 5 -12.05 -17.32 3.62
N GLU C 6 -11.63 -18.21 4.51
CA GLU C 6 -11.84 -18.05 5.94
C GLU C 6 -10.50 -18.09 6.66
N GLU C 7 -10.29 -17.15 7.57
CA GLU C 7 -9.08 -17.09 8.39
C GLU C 7 -9.47 -17.34 9.84
N LEU C 8 -9.26 -18.57 10.30
CA LEU C 8 -9.49 -18.94 11.69
C LEU C 8 -8.26 -19.69 12.18
N GLU C 9 -7.91 -19.50 13.45
CA GLU C 9 -6.73 -20.08 14.06
C GLU C 9 -5.45 -19.67 13.33
N ASP C 10 -5.42 -18.46 12.77
CA ASP C 10 -4.32 -17.87 12.01
C ASP C 10 -3.96 -18.69 10.78
N ARG C 11 -4.76 -19.68 10.40
CA ARG C 11 -4.54 -20.47 9.20
C ARG C 11 -5.66 -20.16 8.22
N VAL C 12 -5.31 -19.61 7.05
CA VAL C 12 -6.34 -19.30 6.07
C VAL C 12 -6.96 -20.59 5.57
N PHE C 13 -8.26 -20.55 5.29
CA PHE C 13 -9.01 -21.73 4.92
C PHE C 13 -9.86 -21.42 3.71
N VAL C 14 -9.65 -22.17 2.64
CA VAL C 14 -10.49 -22.10 1.46
C VAL C 14 -11.59 -23.13 1.61
N ASN C 15 -12.83 -22.66 1.59
CA ASN C 15 -13.99 -23.48 1.86
C ASN C 15 -14.95 -23.33 0.70
N CYS C 16 -15.45 -24.46 0.20
CA CYS C 16 -16.40 -24.44 -0.90
C CYS C 16 -17.31 -25.65 -0.78
N ASN C 17 -18.46 -25.56 -1.43
CA ASN C 17 -19.49 -26.59 -1.29
C ASN C 17 -18.95 -27.96 -1.73
N THR C 18 -18.39 -28.02 -2.93
CA THR C 18 -17.90 -29.25 -3.55
C THR C 18 -16.41 -29.40 -3.27
N SER C 19 -15.89 -30.59 -3.53
CA SER C 19 -14.47 -30.86 -3.38
C SER C 19 -13.66 -29.86 -4.18
N ILE C 20 -12.64 -29.29 -3.53
CA ILE C 20 -11.85 -28.24 -4.17
C ILE C 20 -10.60 -28.84 -4.80
N THR C 21 -10.28 -28.35 -5.99
CA THR C 21 -9.12 -28.82 -6.74
C THR C 21 -8.10 -27.70 -6.84
N TRP C 22 -6.84 -28.03 -6.59
CA TRP C 22 -5.75 -27.06 -6.66
C TRP C 22 -5.31 -26.95 -8.11
N VAL C 23 -5.24 -25.71 -8.60
CA VAL C 23 -4.79 -25.50 -9.97
C VAL C 23 -3.35 -25.04 -10.00
N GLU C 24 -2.97 -24.16 -9.07
CA GLU C 24 -1.61 -23.66 -9.00
C GLU C 24 -1.33 -23.30 -7.55
N GLY C 25 -0.06 -23.24 -7.20
CA GLY C 25 0.34 -22.63 -5.94
C GLY C 25 0.31 -23.58 -4.76
N THR C 26 0.05 -22.99 -3.60
CA THR C 26 0.14 -23.70 -2.34
C THR C 26 -0.67 -24.99 -2.37
N VAL C 27 0.02 -26.12 -2.24
CA VAL C 27 -0.66 -27.40 -2.27
C VAL C 27 -1.63 -27.53 -1.11
N GLY C 28 -1.21 -27.11 0.08
CA GLY C 28 -2.03 -27.26 1.25
C GLY C 28 -2.17 -28.70 1.66
N THR C 29 -3.02 -28.94 2.65
CA THR C 29 -3.32 -30.29 3.13
C THR C 29 -4.82 -30.47 3.15
N LEU C 30 -5.27 -31.66 2.74
CA LEU C 30 -6.68 -31.97 2.86
C LEU C 30 -7.03 -32.32 4.28
N LEU C 31 -8.06 -31.66 4.82
CA LEU C 31 -8.52 -31.93 6.16
C LEU C 31 -9.14 -33.32 6.24
N SER C 32 -9.64 -33.66 7.43
CA SER C 32 -10.47 -34.85 7.54
C SER C 32 -11.72 -34.68 6.68
N ASP C 33 -12.29 -33.48 6.67
CA ASP C 33 -13.44 -33.20 5.83
C ASP C 33 -12.99 -32.79 4.43
N ILE C 34 -13.54 -33.47 3.42
CA ILE C 34 -13.32 -33.10 2.02
C ILE C 34 -14.09 -31.80 1.81
N THR C 35 -13.77 -31.05 0.75
CA THR C 35 -14.31 -29.74 0.43
C THR C 35 -13.82 -28.65 1.38
N ARG C 36 -12.73 -28.88 2.09
CA ARG C 36 -12.11 -27.87 2.92
C ARG C 36 -10.60 -28.06 2.83
N LEU C 37 -9.88 -26.99 2.55
CA LEU C 37 -8.44 -27.03 2.40
C LEU C 37 -7.82 -25.97 3.30
N ASP C 38 -6.79 -26.35 4.05
CA ASP C 38 -6.02 -25.39 4.82
C ASP C 38 -4.74 -25.04 4.08
N LEU C 39 -4.54 -23.75 3.83
CA LEU C 39 -3.40 -23.30 3.07
C LEU C 39 -2.22 -22.93 3.95
N GLY C 40 -2.08 -23.55 5.10
CA GLY C 40 -0.99 -23.21 6.00
C GLY C 40 -1.33 -22.01 6.85
N LYS C 41 -0.32 -21.53 7.56
CA LYS C 41 -0.50 -20.34 8.36
C LYS C 41 -0.75 -19.12 7.48
N ARG C 42 -1.60 -18.22 7.97
CA ARG C 42 -1.85 -16.95 7.29
C ARG C 42 -0.57 -16.14 7.16
N ILE C 43 0.40 -16.37 8.04
CA ILE C 43 1.61 -15.57 8.02
C ILE C 43 2.56 -16.06 6.93
N LEU C 44 2.38 -17.30 6.47
CA LEU C 44 3.23 -17.87 5.44
C LEU C 44 2.88 -17.40 4.03
N ASP C 45 1.92 -16.50 3.88
CA ASP C 45 1.52 -15.94 2.59
C ASP C 45 1.09 -17.01 1.60
N PRO C 46 -0.06 -17.66 1.80
CA PRO C 46 -0.56 -18.59 0.79
C PRO C 46 -0.82 -17.87 -0.52
N ARG C 47 -0.55 -18.56 -1.62
CA ARG C 47 -0.90 -18.09 -2.95
C ARG C 47 -1.25 -19.30 -3.81
N GLY C 48 -2.31 -19.18 -4.59
CA GLY C 48 -2.73 -20.29 -5.41
C GLY C 48 -4.11 -20.17 -6.04
N ILE C 49 -4.29 -20.82 -7.17
CA ILE C 49 -5.54 -20.79 -7.92
C ILE C 49 -6.31 -22.07 -7.63
N TYR C 50 -7.57 -21.94 -7.26
CA TYR C 50 -8.38 -23.07 -6.84
C TYR C 50 -9.70 -23.08 -7.59
N ARG C 51 -10.09 -24.26 -8.07
CA ARG C 51 -11.35 -24.47 -8.76
C ARG C 51 -12.26 -25.27 -7.86
N CYS C 52 -13.50 -24.84 -7.72
CA CYS C 52 -14.49 -25.66 -7.04
C CYS C 52 -15.83 -25.54 -7.76
N ASN C 53 -16.46 -26.69 -8.01
CA ASN C 53 -17.72 -26.70 -8.73
C ASN C 53 -18.83 -26.10 -7.87
N GLY C 54 -19.85 -25.59 -8.52
CA GLY C 54 -20.92 -24.93 -7.80
C GLY C 54 -21.83 -25.91 -7.09
N THR C 55 -22.75 -25.36 -6.29
CA THR C 55 -23.69 -26.17 -5.54
C THR C 55 -24.92 -26.47 -6.38
N ASP C 56 -25.96 -26.96 -5.72
CA ASP C 56 -27.26 -27.10 -6.38
C ASP C 56 -27.84 -25.74 -6.76
N ILE C 57 -27.53 -24.71 -5.98
CA ILE C 57 -27.98 -23.37 -6.31
C ILE C 57 -27.37 -22.89 -7.60
N TYR C 58 -26.06 -23.11 -7.79
CA TYR C 58 -25.37 -22.81 -9.05
C TYR C 58 -24.77 -24.12 -9.56
N LYS C 59 -25.56 -24.90 -10.28
CA LYS C 59 -25.09 -26.21 -10.71
C LYS C 59 -24.17 -26.08 -11.91
N ASP C 60 -23.12 -26.89 -11.91
CA ASP C 60 -22.16 -26.98 -13.01
C ASP C 60 -21.51 -25.63 -13.31
N LYS C 61 -21.40 -24.79 -12.29
CA LYS C 61 -20.77 -23.49 -12.40
C LYS C 61 -19.44 -23.53 -11.67
N GLU C 62 -18.34 -23.53 -12.43
CA GLU C 62 -17.00 -23.63 -11.88
C GLU C 62 -16.45 -22.24 -11.62
N SER C 63 -15.82 -22.06 -10.48
CA SER C 63 -15.24 -20.79 -10.10
C SER C 63 -13.78 -20.97 -9.74
N THR C 64 -12.96 -20.02 -10.15
CA THR C 64 -11.55 -19.98 -9.79
C THR C 64 -11.35 -18.81 -8.84
N VAL C 65 -10.75 -19.08 -7.69
CA VAL C 65 -10.34 -18.04 -6.76
C VAL C 65 -8.82 -18.05 -6.67
N GLN C 66 -8.20 -16.94 -7.02
CA GLN C 66 -6.76 -16.80 -6.90
C GLN C 66 -6.47 -16.09 -5.58
N VAL C 67 -6.26 -16.86 -4.53
CA VAL C 67 -6.00 -16.31 -3.21
C VAL C 67 -4.57 -15.79 -3.18
N HIS C 68 -4.40 -14.54 -2.81
CA HIS C 68 -3.09 -13.88 -2.83
C HIS C 68 -2.90 -13.15 -1.52
N TYR C 69 -2.04 -13.69 -0.66
CA TYR C 69 -1.75 -13.11 0.65
C TYR C 69 -0.38 -12.47 0.63
N ARG C 70 -0.30 -11.20 1.01
CA ARG C 70 0.98 -10.51 1.18
C ARG C 70 0.98 -9.84 2.54
N MET C 71 1.32 -10.62 3.56
CA MET C 71 1.52 -10.09 4.91
C MET C 71 2.88 -10.57 5.39
N CYS C 72 3.87 -9.73 5.23
CA CYS C 72 5.28 -10.13 5.26
C CYS C 72 5.84 -10.04 6.67
N GLN C 73 6.19 -11.20 7.24
CA GLN C 73 7.08 -11.24 8.39
C GLN C 73 8.53 -10.99 8.00
N SER C 74 8.85 -11.08 6.71
CA SER C 74 10.19 -10.82 6.21
C SER C 74 10.38 -9.38 5.77
N CYS C 75 9.36 -8.54 5.88
CA CYS C 75 9.47 -7.16 5.41
C CYS C 75 10.43 -6.37 6.28
N VAL C 76 11.16 -5.46 5.64
CA VAL C 76 12.05 -4.53 6.32
C VAL C 76 11.76 -3.13 5.81
N GLU C 77 11.48 -2.21 6.71
CA GLU C 77 11.11 -0.85 6.37
C GLU C 77 12.38 -0.08 6.00
N LEU C 78 12.65 0.01 4.71
CA LEU C 78 13.84 0.73 4.25
C LEU C 78 13.73 2.22 4.53
N ASP C 79 14.87 2.84 4.82
CA ASP C 79 14.97 4.26 5.07
C ASP C 79 16.04 4.83 4.16
N PRO C 80 15.68 5.73 3.24
CA PRO C 80 16.65 6.17 2.24
C PRO C 80 17.93 6.73 2.85
N ALA C 81 17.83 7.50 3.92
CA ALA C 81 19.03 8.10 4.50
C ALA C 81 19.99 7.04 5.00
N THR C 82 19.49 6.09 5.79
CA THR C 82 20.37 5.05 6.33
C THR C 82 20.96 4.18 5.24
N VAL C 83 20.14 3.76 4.27
CA VAL C 83 20.65 2.87 3.23
C VAL C 83 21.69 3.60 2.38
N ALA C 84 21.41 4.85 2.02
CA ALA C 84 22.36 5.61 1.21
C ALA C 84 23.67 5.85 1.97
N GLY C 85 23.57 6.18 3.26
CA GLY C 85 24.78 6.36 4.04
C GLY C 85 25.63 5.11 4.12
N ILE C 86 24.98 3.96 4.34
CA ILE C 86 25.72 2.71 4.40
C ILE C 86 26.40 2.44 3.07
N ILE C 87 25.68 2.63 1.95
CA ILE C 87 26.28 2.37 0.64
C ILE C 87 27.46 3.30 0.39
N VAL C 88 27.30 4.59 0.69
CA VAL C 88 28.37 5.55 0.42
C VAL C 88 29.60 5.24 1.25
N THR C 89 29.41 4.95 2.54
CA THR C 89 30.56 4.64 3.39
C THR C 89 31.22 3.34 2.97
N ASP C 90 30.43 2.35 2.53
CA ASP C 90 31.03 1.12 2.03
C ASP C 90 31.92 1.39 0.82
N VAL C 91 31.42 2.20 -0.11
CA VAL C 91 32.20 2.53 -1.29
C VAL C 91 33.47 3.28 -0.91
N ILE C 92 33.36 4.22 0.03
CA ILE C 92 34.53 5.00 0.45
C ILE C 92 35.57 4.11 1.11
N ALA C 93 35.14 3.20 1.98
CA ALA C 93 36.07 2.29 2.61
C ALA C 93 36.73 1.39 1.57
N THR C 94 35.96 0.93 0.58
CA THR C 94 36.54 0.13 -0.48
C THR C 94 37.60 0.92 -1.25
N LEU C 95 37.33 2.20 -1.53
CA LEU C 95 38.30 3.03 -2.23
C LEU C 95 39.56 3.22 -1.39
N LEU C 96 39.42 3.42 -0.09
CA LEU C 96 40.59 3.57 0.77
C LEU C 96 41.41 2.30 0.80
N LEU C 97 40.75 1.15 0.86
CA LEU C 97 41.49 -0.12 0.86
C LEU C 97 42.21 -0.30 -0.47
N ALA C 98 41.57 0.08 -1.58
CA ALA C 98 42.21 0.01 -2.88
C ALA C 98 43.43 0.92 -2.94
N LEU C 99 43.32 2.13 -2.37
CA LEU C 99 44.45 3.04 -2.34
C LEU C 99 45.60 2.46 -1.53
N GLY C 100 45.28 1.80 -0.41
CA GLY C 100 46.32 1.12 0.35
C GLY C 100 46.98 0.01 -0.45
N VAL C 101 46.19 -0.75 -1.20
CA VAL C 101 46.76 -1.79 -2.05
C VAL C 101 47.69 -1.19 -3.09
N PHE C 102 47.27 -0.07 -3.70
CA PHE C 102 48.13 0.63 -4.66
C PHE C 102 49.42 1.10 -4.00
N CYS C 103 49.31 1.63 -2.78
CA CYS C 103 50.49 2.16 -2.09
C CYS C 103 51.45 1.04 -1.72
N PHE C 104 50.91 -0.17 -1.52
CA PHE C 104 51.78 -1.35 -1.59
C PHE C 104 52.43 -1.48 -2.95
N ALA C 105 51.62 -1.43 -4.02
CA ALA C 105 52.09 -1.83 -5.34
C ALA C 105 52.23 -0.65 -6.29
N GLN D 1 -7.95 -17.62 -18.12
CA GLN D 1 -7.36 -18.63 -17.25
C GLN D 1 -5.94 -18.23 -16.84
N THR D 2 -5.40 -17.23 -17.52
CA THR D 2 -4.09 -16.72 -17.14
C THR D 2 -4.19 -16.09 -15.75
N PRO D 3 -3.27 -16.40 -14.84
CA PRO D 3 -3.43 -15.96 -13.45
C PRO D 3 -3.47 -14.45 -13.33
N TYR D 4 -4.23 -13.98 -12.35
CA TYR D 4 -4.18 -12.58 -11.97
C TYR D 4 -2.76 -12.22 -11.55
N LYS D 5 -2.27 -11.10 -12.06
CA LYS D 5 -0.96 -10.61 -11.66
C LYS D 5 -1.16 -9.42 -10.76
N VAL D 6 -0.56 -9.46 -9.58
CA VAL D 6 -0.64 -8.39 -8.60
C VAL D 6 0.77 -8.00 -8.18
N SER D 7 1.07 -6.71 -8.28
CA SER D 7 2.37 -6.17 -7.91
C SER D 7 2.19 -5.11 -6.85
N ILE D 8 2.95 -5.22 -5.76
CA ILE D 8 2.90 -4.28 -4.65
C ILE D 8 4.19 -3.49 -4.64
N SER D 9 4.07 -2.16 -4.66
CA SER D 9 5.21 -1.27 -4.67
C SER D 9 4.99 -0.18 -3.64
N GLY D 10 5.67 -0.28 -2.51
CA GLY D 10 5.46 0.69 -1.45
C GLY D 10 4.03 0.66 -0.97
N THR D 11 3.42 1.83 -0.84
CA THR D 11 2.00 1.90 -0.54
C THR D 11 1.16 1.44 -1.72
N THR D 12 1.61 1.77 -2.94
CA THR D 12 0.83 1.50 -4.14
C THR D 12 0.72 0.00 -4.39
N VAL D 13 -0.50 -0.45 -4.69
CA VAL D 13 -0.77 -1.81 -5.13
C VAL D 13 -1.41 -1.73 -6.51
N ILE D 14 -0.83 -2.43 -7.48
CA ILE D 14 -1.30 -2.39 -8.86
C ILE D 14 -1.72 -3.79 -9.27
N LEU D 15 -2.98 -3.93 -9.66
CA LEU D 15 -3.56 -5.20 -10.08
C LEU D 15 -3.75 -5.16 -11.59
N THR D 16 -3.32 -6.21 -12.28
CA THR D 16 -3.47 -6.29 -13.73
C THR D 16 -4.19 -7.58 -14.10
N CYS D 17 -5.09 -7.47 -15.07
CA CYS D 17 -5.95 -8.56 -15.51
C CYS D 17 -5.64 -8.88 -16.96
N PRO D 18 -4.82 -9.90 -17.24
CA PRO D 18 -4.44 -10.17 -18.63
C PRO D 18 -5.31 -11.18 -19.38
N GLN D 19 -6.39 -11.69 -18.78
CA GLN D 19 -7.21 -12.67 -19.48
C GLN D 19 -7.86 -12.08 -20.72
N TYR D 20 -8.16 -10.78 -20.70
CA TYR D 20 -8.89 -10.14 -21.78
C TYR D 20 -7.99 -9.15 -22.49
N PRO D 21 -7.33 -9.52 -23.59
CA PRO D 21 -6.35 -8.63 -24.21
C PRO D 21 -6.97 -7.54 -25.07
N GLY D 22 -8.09 -7.85 -25.72
CA GLY D 22 -8.60 -6.95 -26.74
C GLY D 22 -9.30 -5.72 -26.18
N SER D 23 -10.40 -5.93 -25.46
CA SER D 23 -11.30 -4.84 -25.15
C SER D 23 -10.92 -4.14 -23.84
N GLU D 24 -11.55 -2.99 -23.62
CA GLU D 24 -11.47 -2.31 -22.34
C GLU D 24 -12.02 -3.20 -21.24
N ILE D 25 -11.39 -3.16 -20.08
CA ILE D 25 -11.80 -3.98 -18.94
C ILE D 25 -12.24 -3.05 -17.82
N LEU D 26 -13.14 -3.54 -16.97
CA LEU D 26 -13.71 -2.79 -15.87
C LEU D 26 -13.59 -3.64 -14.61
N TRP D 27 -13.42 -2.98 -13.45
CA TRP D 27 -13.10 -3.66 -12.22
C TRP D 27 -14.23 -3.56 -11.22
N GLN D 28 -14.37 -4.59 -10.40
CA GLN D 28 -15.30 -4.60 -9.27
C GLN D 28 -14.57 -5.12 -8.04
N HIS D 29 -14.67 -4.39 -6.95
CA HIS D 29 -14.09 -4.78 -5.67
C HIS D 29 -15.19 -5.00 -4.66
N ASN D 30 -15.23 -6.19 -4.07
CA ASN D 30 -16.20 -6.52 -3.03
C ASN D 30 -17.62 -6.18 -3.47
N ASP D 31 -17.95 -6.49 -4.73
CA ASP D 31 -19.25 -6.23 -5.34
C ASP D 31 -19.60 -4.75 -5.39
N LYS D 32 -18.63 -3.86 -5.16
CA LYS D 32 -18.83 -2.43 -5.33
C LYS D 32 -18.00 -1.98 -6.51
N ASN D 33 -18.64 -1.29 -7.46
CA ASN D 33 -17.94 -0.90 -8.67
C ASN D 33 -16.86 0.12 -8.34
N ILE D 34 -15.69 -0.08 -8.94
CA ILE D 34 -14.47 0.61 -8.55
C ILE D 34 -13.73 1.00 -9.81
N GLY D 35 -13.10 2.16 -9.79
CA GLY D 35 -12.46 2.67 -10.99
C GLY D 35 -13.41 3.57 -11.73
N GLY D 36 -12.90 4.54 -12.48
CA GLY D 36 -13.74 5.50 -13.14
C GLY D 36 -13.94 6.74 -12.30
N ASP D 37 -14.65 7.70 -12.88
CA ASP D 37 -14.78 9.00 -12.24
C ASP D 37 -15.52 8.87 -10.91
N GLU D 38 -14.76 8.98 -9.83
CA GLU D 38 -15.32 8.88 -8.49
C GLU D 38 -14.55 9.83 -7.59
N ASP D 39 -15.01 9.94 -6.34
CA ASP D 39 -14.37 10.84 -5.38
C ASP D 39 -12.94 10.40 -5.07
N ASP D 40 -12.72 9.10 -4.92
CA ASP D 40 -11.40 8.62 -4.55
C ASP D 40 -10.46 8.63 -5.74
N LYS D 41 -9.38 9.41 -5.61
CA LYS D 41 -8.34 9.47 -6.63
C LYS D 41 -7.21 8.48 -6.38
N ASN D 42 -7.23 7.78 -5.26
CA ASN D 42 -6.22 6.74 -5.00
C ASN D 42 -6.40 5.56 -5.95
N ILE D 43 -7.63 5.33 -6.41
CA ILE D 43 -7.94 4.21 -7.28
C ILE D 43 -8.04 4.71 -8.70
N GLY D 44 -7.24 4.15 -9.59
CA GLY D 44 -7.32 4.45 -10.99
C GLY D 44 -6.95 3.22 -11.80
N SER D 45 -7.70 3.02 -12.88
CA SER D 45 -7.50 1.87 -13.76
C SER D 45 -7.29 2.37 -15.17
N ASP D 46 -6.24 1.90 -15.82
CA ASP D 46 -6.01 2.23 -17.22
C ASP D 46 -5.47 1.00 -17.93
N GLU D 47 -5.96 0.75 -19.13
CA GLU D 47 -5.72 -0.52 -19.84
C GLU D 47 -6.15 -1.63 -18.88
N ASP D 48 -5.32 -2.63 -18.61
CA ASP D 48 -5.70 -3.75 -17.77
C ASP D 48 -5.17 -3.64 -16.35
N HIS D 49 -4.59 -2.51 -15.98
CA HIS D 49 -4.04 -2.30 -14.65
C HIS D 49 -5.07 -1.59 -13.78
N LEU D 50 -5.24 -2.07 -12.56
CA LEU D 50 -5.96 -1.33 -11.53
C LEU D 50 -4.95 -0.88 -10.48
N SER D 51 -4.71 0.42 -10.40
CA SER D 51 -3.67 0.97 -9.56
C SER D 51 -4.29 1.59 -8.31
N LEU D 52 -4.13 0.91 -7.18
CA LEU D 52 -4.59 1.41 -5.89
C LEU D 52 -3.43 2.04 -5.15
N LYS D 53 -3.60 3.30 -4.76
CA LYS D 53 -2.59 4.01 -3.99
C LYS D 53 -3.06 4.17 -2.56
N GLU D 54 -2.11 4.24 -1.63
CA GLU D 54 -2.42 4.27 -0.21
C GLU D 54 -3.38 3.15 0.18
N PHE D 55 -3.01 1.94 -0.22
CA PHE D 55 -3.79 0.74 0.10
C PHE D 55 -3.92 0.58 1.61
N SER D 56 -5.14 0.37 2.08
CA SER D 56 -5.41 0.10 3.48
C SER D 56 -5.84 -1.35 3.62
N GLU D 57 -5.12 -2.11 4.45
CA GLU D 57 -5.37 -3.54 4.53
C GLU D 57 -6.78 -3.84 4.99
N LEU D 58 -7.28 -3.09 5.97
CA LEU D 58 -8.62 -3.36 6.48
C LEU D 58 -9.69 -2.92 5.48
N GLU D 59 -9.39 -1.89 4.68
CA GLU D 59 -10.42 -1.27 3.87
C GLU D 59 -10.46 -1.85 2.46
N GLN D 60 -9.34 -1.86 1.76
CA GLN D 60 -9.32 -2.15 0.33
C GLN D 60 -8.94 -3.59 0.01
N SER D 61 -8.87 -4.47 0.99
CA SER D 61 -8.46 -5.85 0.77
C SER D 61 -9.69 -6.75 0.74
N GLY D 62 -9.76 -7.61 -0.25
CA GLY D 62 -10.90 -8.49 -0.39
C GLY D 62 -10.99 -8.98 -1.82
N TYR D 63 -12.18 -9.44 -2.18
CA TYR D 63 -12.39 -9.98 -3.51
C TYR D 63 -12.24 -8.89 -4.56
N TYR D 64 -11.57 -9.22 -5.65
CA TYR D 64 -11.44 -8.35 -6.81
C TYR D 64 -11.80 -9.13 -8.05
N VAL D 65 -12.28 -8.43 -9.08
CA VAL D 65 -12.64 -9.07 -10.33
C VAL D 65 -12.51 -8.06 -11.47
N CYS D 66 -12.22 -8.57 -12.66
CA CYS D 66 -12.12 -7.78 -13.88
C CYS D 66 -13.07 -8.36 -14.89
N TYR D 67 -13.74 -7.50 -15.64
CA TYR D 67 -14.55 -7.99 -16.73
C TYR D 67 -14.43 -7.06 -17.93
N PRO D 68 -14.51 -7.58 -19.15
CA PRO D 68 -14.39 -6.73 -20.32
C PRO D 68 -15.65 -5.90 -20.50
N ARG D 69 -15.51 -4.82 -21.27
CA ARG D 69 -16.68 -4.03 -21.62
C ARG D 69 -17.66 -4.88 -22.40
N GLY D 70 -18.91 -4.88 -21.94
CA GLY D 70 -19.92 -5.73 -22.55
C GLY D 70 -20.13 -7.06 -21.88
N SER D 71 -19.57 -7.28 -20.70
CA SER D 71 -19.82 -8.48 -19.92
C SER D 71 -20.23 -8.07 -18.52
N LYS D 72 -21.36 -8.58 -18.05
CA LYS D 72 -21.90 -8.14 -16.78
C LYS D 72 -21.05 -8.69 -15.64
N PRO D 73 -20.95 -7.96 -14.53
CA PRO D 73 -20.11 -8.43 -13.42
C PRO D 73 -20.57 -9.76 -12.85
N GLU D 74 -21.88 -10.03 -12.92
CA GLU D 74 -22.43 -11.20 -12.25
C GLU D 74 -21.86 -12.50 -12.79
N ASP D 75 -21.69 -12.58 -14.12
CA ASP D 75 -21.13 -13.78 -14.74
C ASP D 75 -19.61 -13.66 -14.80
N ALA D 76 -18.99 -13.73 -13.63
CA ALA D 76 -17.55 -13.68 -13.49
C ALA D 76 -17.10 -14.90 -12.70
N ASN D 77 -16.01 -15.54 -13.14
CA ASN D 77 -15.54 -16.77 -12.52
C ASN D 77 -14.19 -16.64 -11.84
N PHE D 78 -13.32 -15.77 -12.32
CA PHE D 78 -11.97 -15.67 -11.79
C PHE D 78 -11.90 -14.50 -10.82
N TYR D 79 -11.79 -14.82 -9.54
CA TYR D 79 -11.80 -13.83 -8.47
C TYR D 79 -10.44 -13.81 -7.79
N LEU D 80 -9.94 -12.62 -7.51
CA LEU D 80 -8.72 -12.48 -6.73
C LEU D 80 -9.08 -12.12 -5.29
N TYR D 81 -8.69 -12.97 -4.35
CA TYR D 81 -8.81 -12.64 -2.94
C TYR D 81 -7.50 -12.07 -2.47
N LEU D 82 -7.31 -10.78 -2.68
CA LEU D 82 -6.10 -10.08 -2.28
C LEU D 82 -6.28 -9.55 -0.88
N ARG D 83 -5.55 -10.14 0.06
CA ARG D 83 -5.47 -9.63 1.43
C ARG D 83 -4.00 -9.34 1.69
N ALA D 84 -3.65 -8.07 1.78
CA ALA D 84 -2.25 -7.68 1.83
C ALA D 84 -2.03 -6.62 2.89
N ARG D 85 -0.95 -6.78 3.65
CA ARG D 85 -0.50 -5.75 4.59
C ARG D 85 0.59 -4.96 3.89
N VAL D 86 0.40 -3.65 3.80
CA VAL D 86 1.24 -2.79 2.98
C VAL D 86 1.76 -1.64 3.83
N CYS D 87 3.07 -1.40 3.76
CA CYS D 87 3.71 -0.29 4.45
C CYS D 87 4.61 0.45 3.47
N GLU D 88 5.09 1.62 3.90
CA GLU D 88 5.80 2.50 2.98
C GLU D 88 7.30 2.23 3.09
N ASN D 89 7.97 2.13 1.94
CA ASN D 89 9.28 1.47 1.80
C ASN D 89 9.34 0.12 2.51
N CYS D 90 8.40 -0.76 2.19
CA CYS D 90 8.46 -2.15 2.64
C CYS D 90 8.94 -3.02 1.48
N MET D 91 9.88 -3.92 1.77
CA MET D 91 10.44 -4.80 0.75
C MET D 91 10.79 -6.14 1.37
N GLU D 92 10.34 -7.21 0.73
CA GLU D 92 10.62 -8.54 1.24
C GLU D 92 12.00 -9.01 0.78
N MET D 93 12.86 -9.33 1.73
CA MET D 93 14.16 -9.93 1.44
C MET D 93 14.36 -11.13 2.36
N ASP D 94 14.88 -12.21 1.79
CA ASP D 94 15.13 -13.43 2.54
C ASP D 94 16.61 -13.53 2.89
N VAL D 95 16.96 -14.60 3.60
CA VAL D 95 18.32 -14.76 4.09
C VAL D 95 19.31 -14.89 2.93
N MET D 96 18.96 -15.67 1.91
CA MET D 96 19.89 -15.92 0.81
C MET D 96 20.11 -14.67 -0.01
N SER D 97 19.11 -13.78 -0.08
CA SER D 97 19.31 -12.52 -0.78
C SER D 97 20.40 -11.68 -0.13
N VAL D 98 20.34 -11.54 1.19
CA VAL D 98 21.36 -10.77 1.89
C VAL D 98 22.71 -11.46 1.81
N ALA D 99 22.71 -12.80 1.86
CA ALA D 99 23.96 -13.53 1.68
C ALA D 99 24.57 -13.23 0.33
N THR D 100 23.74 -13.21 -0.72
CA THR D 100 24.22 -12.84 -2.05
C THR D 100 24.78 -11.42 -2.05
N ILE D 101 24.10 -10.51 -1.34
CA ILE D 101 24.55 -9.12 -1.30
C ILE D 101 25.95 -9.03 -0.71
N VAL D 102 26.16 -9.66 0.45
CA VAL D 102 27.47 -9.53 1.10
C VAL D 102 28.54 -10.25 0.28
N ILE D 103 28.21 -11.41 -0.28
CA ILE D 103 29.20 -12.14 -1.07
C ILE D 103 29.61 -11.34 -2.29
N VAL D 104 28.65 -10.73 -2.98
CA VAL D 104 28.99 -9.97 -4.18
C VAL D 104 29.74 -8.71 -3.83
N ASP D 105 29.44 -8.11 -2.67
CA ASP D 105 30.23 -6.96 -2.22
C ASP D 105 31.68 -7.37 -1.96
N ILE D 106 31.88 -8.52 -1.32
CA ILE D 106 33.22 -9.01 -1.08
C ILE D 106 33.93 -9.25 -2.41
N CYS D 107 33.22 -9.84 -3.36
CA CYS D 107 33.83 -10.15 -4.65
C CYS D 107 34.23 -8.88 -5.40
N ILE D 108 33.38 -7.86 -5.40
CA ILE D 108 33.75 -6.63 -6.10
C ILE D 108 34.92 -5.95 -5.41
N THR D 109 34.94 -5.97 -4.08
CA THR D 109 36.09 -5.40 -3.36
C THR D 109 37.37 -6.10 -3.74
N GLY D 110 37.37 -7.44 -3.70
CA GLY D 110 38.57 -8.19 -4.05
C GLY D 110 38.97 -7.99 -5.50
N GLY D 111 37.99 -7.90 -6.39
CA GLY D 111 38.29 -7.65 -7.79
C GLY D 111 38.94 -6.30 -8.00
N LEU D 112 38.44 -5.28 -7.31
CA LEU D 112 39.05 -3.96 -7.43
C LEU D 112 40.49 -3.98 -6.90
N LEU D 113 40.71 -4.64 -5.76
CA LEU D 113 42.07 -4.72 -5.23
C LEU D 113 43.00 -5.45 -6.19
N LEU D 114 42.54 -6.57 -6.75
CA LEU D 114 43.37 -7.33 -7.66
C LEU D 114 43.65 -6.55 -8.94
N LEU D 115 42.64 -5.84 -9.45
CA LEU D 115 42.84 -5.01 -10.63
C LEU D 115 43.88 -3.93 -10.36
N VAL D 116 43.81 -3.28 -9.20
CA VAL D 116 44.79 -2.25 -8.88
C VAL D 116 46.18 -2.87 -8.77
N TYR D 117 46.28 -4.02 -8.11
CA TYR D 117 47.57 -4.68 -7.94
C TYR D 117 48.19 -5.03 -9.30
N TYR D 118 47.39 -5.57 -10.21
CA TYR D 118 47.92 -5.93 -11.52
C TYR D 118 48.26 -4.70 -12.33
N TRP D 119 47.42 -3.65 -12.25
CA TRP D 119 47.67 -2.44 -13.03
C TRP D 119 48.96 -1.77 -12.59
N SER D 120 49.27 -1.85 -11.28
CA SER D 120 50.51 -1.25 -10.79
C SER D 120 51.72 -1.89 -11.45
N LYS D 121 51.72 -3.21 -11.57
CA LYS D 121 52.82 -3.92 -12.19
C LYS D 121 52.59 -4.06 -13.70
N GLN E 1 -5.73 25.59 27.98
CA GLN E 1 -4.50 26.11 28.56
C GLN E 1 -3.37 25.07 28.54
N THR E 2 -2.44 25.20 29.48
CA THR E 2 -1.20 24.44 29.43
C THR E 2 -1.49 22.94 29.41
N PRO E 3 -0.73 22.15 28.65
CA PRO E 3 -0.96 20.71 28.59
C PRO E 3 -0.43 20.02 29.84
N TYR E 4 -0.76 18.73 29.94
CA TYR E 4 -0.31 17.93 31.06
C TYR E 4 1.18 17.65 30.97
N LYS E 5 1.84 17.62 32.12
CA LYS E 5 3.28 17.36 32.19
C LYS E 5 3.49 15.90 32.55
N VAL E 6 4.33 15.22 31.77
CA VAL E 6 4.50 13.77 31.86
C VAL E 6 5.96 13.45 32.15
N SER E 7 6.18 12.59 33.14
CA SER E 7 7.50 12.03 33.43
C SER E 7 7.38 10.52 33.53
N ILE E 8 8.20 9.81 32.76
CA ILE E 8 8.25 8.35 32.78
C ILE E 8 9.68 7.94 33.03
N SER E 9 9.88 7.05 34.00
CA SER E 9 11.20 6.56 34.35
C SER E 9 11.16 5.05 34.51
N GLY E 10 12.00 4.36 33.75
CA GLY E 10 12.06 2.91 33.85
C GLY E 10 10.73 2.28 33.52
N THR E 11 10.10 1.70 34.55
CA THR E 11 8.76 1.15 34.43
C THR E 11 7.70 2.06 35.03
N THR E 12 8.06 2.88 36.01
CA THR E 12 7.12 3.75 36.68
C THR E 12 6.84 4.96 35.81
N VAL E 13 5.62 5.50 35.91
CA VAL E 13 5.18 6.65 35.14
C VAL E 13 4.56 7.66 36.10
N ILE E 14 4.94 8.91 35.96
CA ILE E 14 4.44 10.00 36.82
C ILE E 14 3.62 10.94 35.95
N LEU E 15 2.47 11.36 36.47
CA LEU E 15 1.60 12.31 35.79
C LEU E 15 1.32 13.48 36.70
N THR E 16 1.16 14.66 36.09
CA THR E 16 0.72 15.85 36.79
C THR E 16 0.00 16.77 35.83
N CYS E 17 -0.97 17.52 36.36
CA CYS E 17 -1.79 18.42 35.54
C CYS E 17 -1.57 19.86 35.99
N PRO E 18 -0.98 20.71 35.14
CA PRO E 18 -0.76 22.11 35.52
C PRO E 18 -1.97 23.01 35.32
N GLN E 19 -3.13 22.47 34.95
CA GLN E 19 -4.30 23.31 34.73
C GLN E 19 -4.72 24.02 36.01
N TYR E 20 -4.74 23.29 37.13
CA TYR E 20 -4.94 23.92 38.43
C TYR E 20 -3.68 23.74 39.27
N PRO E 21 -2.96 24.82 39.61
CA PRO E 21 -1.80 24.67 40.49
C PRO E 21 -2.14 24.08 41.84
N GLY E 22 -3.27 24.49 42.43
CA GLY E 22 -3.71 23.91 43.69
C GLY E 22 -5.20 23.61 43.72
N SER E 23 -5.54 22.33 43.86
CA SER E 23 -6.93 21.91 43.91
C SER E 23 -6.97 20.44 44.30
N GLU E 24 -8.15 19.98 44.69
CA GLU E 24 -8.34 18.56 44.95
C GLU E 24 -8.08 17.78 43.67
N ILE E 25 -7.41 16.64 43.80
CA ILE E 25 -6.89 15.88 42.67
C ILE E 25 -7.68 14.58 42.54
N LEU E 26 -8.25 14.36 41.37
CA LEU E 26 -8.87 13.08 41.01
C LEU E 26 -8.37 12.69 39.63
N TRP E 27 -7.97 11.43 39.49
CA TRP E 27 -7.41 10.90 38.26
C TRP E 27 -8.33 9.85 37.67
N GLN E 28 -8.55 9.91 36.37
CA GLN E 28 -9.26 8.88 35.62
C GLN E 28 -8.48 8.53 34.36
N HIS E 29 -8.25 7.24 34.16
CA HIS E 29 -7.62 6.73 32.95
C HIS E 29 -8.64 5.96 32.12
N ASN E 30 -8.78 6.32 30.85
CA ASN E 30 -9.81 5.77 29.97
C ASN E 30 -11.19 5.87 30.63
N ASP E 31 -11.42 7.01 31.30
CA ASP E 31 -12.71 7.34 31.90
C ASP E 31 -13.10 6.39 33.03
N LYS E 32 -12.12 5.85 33.76
CA LYS E 32 -12.37 5.20 35.04
C LYS E 32 -11.37 5.74 36.05
N ASN E 33 -11.85 5.99 37.27
CA ASN E 33 -11.01 6.63 38.28
C ASN E 33 -9.85 5.72 38.68
N ILE E 34 -8.63 6.20 38.44
CA ILE E 34 -7.41 5.52 38.86
C ILE E 34 -6.72 6.40 39.89
N GLY E 35 -5.97 5.77 40.79
CA GLY E 35 -5.21 6.48 41.80
C GLY E 35 -5.89 6.42 43.16
N GLY E 36 -5.07 6.57 44.21
CA GLY E 36 -5.56 6.55 45.56
C GLY E 36 -5.90 5.14 46.03
N ASP E 37 -6.33 5.07 47.29
CA ASP E 37 -6.71 3.80 47.91
C ASP E 37 -7.60 4.04 49.11
N ASN E 42 3.37 0.40 44.31
CA ASN E 42 1.92 0.36 44.13
C ASN E 42 1.40 1.70 43.61
N ILE E 43 0.40 1.63 42.72
CA ILE E 43 -0.16 2.84 42.14
C ILE E 43 -0.88 3.64 43.22
N GLY E 44 -0.57 4.94 43.27
CA GLY E 44 -1.17 5.83 44.25
C GLY E 44 -1.31 7.21 43.67
N SER E 45 -1.90 8.10 44.48
CA SER E 45 -2.13 9.48 44.08
C SER E 45 -1.29 10.40 44.96
N ASP E 46 -0.48 11.24 44.33
CA ASP E 46 0.21 12.31 45.03
C ASP E 46 -0.72 13.52 45.15
N GLU E 47 -0.39 14.41 46.09
CA GLU E 47 -1.21 15.60 46.31
C GLU E 47 -1.35 16.44 45.04
N ASP E 48 -0.32 16.42 44.19
CA ASP E 48 -0.37 17.13 42.91
C ASP E 48 0.11 16.27 41.75
N HIS E 49 0.34 14.98 41.96
CA HIS E 49 0.80 14.11 40.90
C HIS E 49 0.08 12.77 40.95
N LEU E 50 0.20 12.01 39.86
CA LEU E 50 -0.23 10.63 39.79
C LEU E 50 1.00 9.74 39.77
N SER E 51 1.07 8.79 40.70
CA SER E 51 2.18 7.85 40.78
C SER E 51 1.71 6.48 40.29
N LEU E 52 2.23 6.05 39.16
CA LEU E 52 1.92 4.73 38.60
C LEU E 52 3.17 3.87 38.63
N LYS E 53 3.05 2.68 39.20
CA LYS E 53 4.13 1.71 39.25
C LYS E 53 3.68 0.45 38.53
N GLU E 54 4.65 -0.29 37.97
CA GLU E 54 4.36 -1.44 37.12
C GLU E 54 3.42 -1.06 35.97
N PHE E 55 3.74 0.03 35.29
CA PHE E 55 2.99 0.43 34.12
C PHE E 55 3.08 -0.64 33.04
N SER E 56 1.99 -0.82 32.30
CA SER E 56 1.91 -1.83 31.26
C SER E 56 1.35 -1.21 29.99
N GLU E 57 1.75 -1.76 28.83
CA GLU E 57 1.23 -1.26 27.57
C GLU E 57 -0.23 -1.66 27.37
N LEU E 58 -0.60 -2.85 27.84
CA LEU E 58 -1.98 -3.31 27.68
C LEU E 58 -2.87 -2.84 28.82
N GLU E 59 -2.38 -2.92 30.05
CA GLU E 59 -3.22 -2.71 31.22
C GLU E 59 -3.66 -1.25 31.35
N GLN E 60 -2.70 -0.33 31.24
CA GLN E 60 -2.97 1.11 31.41
C GLN E 60 -2.40 1.86 30.22
N SER E 61 -3.25 2.17 29.25
CA SER E 61 -2.88 2.97 28.09
C SER E 61 -4.13 3.60 27.49
N GLY E 62 -4.25 4.91 27.63
CA GLY E 62 -5.41 5.59 27.09
C GLY E 62 -5.52 7.01 27.61
N TYR E 63 -6.72 7.55 27.48
CA TYR E 63 -7.00 8.92 27.89
C TYR E 63 -6.86 9.07 29.40
N TYR E 64 -6.39 10.23 29.84
CA TYR E 64 -6.17 10.50 31.26
C TYR E 64 -6.90 11.77 31.66
N VAL E 65 -7.52 11.75 32.84
CA VAL E 65 -8.43 12.80 33.28
C VAL E 65 -7.96 13.35 34.62
N CYS E 66 -7.78 14.67 34.69
CA CYS E 66 -7.47 15.38 35.93
C CYS E 66 -8.56 16.42 36.17
N TYR E 67 -9.22 16.33 37.32
CA TYR E 67 -10.36 17.18 37.61
C TYR E 67 -10.51 17.31 39.12
N PRO E 68 -11.06 18.42 39.59
CA PRO E 68 -11.32 18.55 41.04
C PRO E 68 -12.45 17.62 41.47
N ARG E 69 -12.56 17.46 42.79
CA ARG E 69 -13.52 16.52 43.35
C ARG E 69 -14.95 16.93 42.99
N GLY E 70 -15.81 15.94 42.85
CA GLY E 70 -17.21 16.18 42.53
C GLY E 70 -17.43 16.82 41.17
N SER E 71 -16.68 16.38 40.16
CA SER E 71 -16.79 16.93 38.82
C SER E 71 -16.92 15.81 37.81
N LYS E 72 -17.59 16.10 36.71
CA LYS E 72 -17.77 15.12 35.65
C LYS E 72 -16.53 15.14 34.74
N PRO E 73 -16.03 13.97 34.33
CA PRO E 73 -14.76 13.95 33.59
C PRO E 73 -14.75 14.79 32.31
N GLU E 74 -15.89 15.09 31.70
CA GLU E 74 -15.85 16.00 30.56
C GLU E 74 -15.60 17.43 31.02
N ASP E 75 -15.96 17.75 32.26
CA ASP E 75 -15.63 19.06 32.82
C ASP E 75 -14.12 19.25 32.89
N ALA E 76 -13.38 18.15 33.09
CA ALA E 76 -11.94 18.18 32.89
C ALA E 76 -11.64 18.56 31.45
N ASN E 77 -10.68 19.48 31.28
CA ASN E 77 -10.48 20.10 29.97
C ASN E 77 -10.10 19.06 28.92
N PHE E 78 -8.93 18.44 29.05
CA PHE E 78 -8.37 17.62 27.98
C PHE E 78 -8.07 16.23 28.53
N TYR E 79 -8.50 15.20 27.80
CA TYR E 79 -7.97 13.86 28.06
C TYR E 79 -6.56 13.74 27.52
N LEU E 80 -5.75 12.91 28.18
CA LEU E 80 -4.37 12.68 27.79
C LEU E 80 -4.21 11.23 27.39
N TYR E 81 -4.14 10.97 26.08
CA TYR E 81 -3.94 9.63 25.58
C TYR E 81 -2.47 9.25 25.70
N LEU E 82 -2.20 8.24 26.52
CA LEU E 82 -0.84 7.80 26.80
C LEU E 82 -0.69 6.34 26.41
N ARG E 83 0.33 6.04 25.59
CA ARG E 83 0.64 4.68 25.18
C ARG E 83 2.15 4.54 25.07
N ALA E 84 2.69 3.47 25.66
CA ALA E 84 4.12 3.17 25.60
C ALA E 84 4.33 1.73 26.08
N ARG E 85 5.49 1.16 25.76
CA ARG E 85 5.89 -0.08 26.39
C ARG E 85 7.11 0.26 27.24
N VAL E 86 7.25 -0.40 28.38
CA VAL E 86 8.30 -0.09 29.35
C VAL E 86 9.21 -1.29 29.50
N CYS E 87 10.53 -1.03 29.54
CA CYS E 87 11.53 -2.04 29.81
C CYS E 87 12.42 -1.55 30.95
N GLU E 88 12.93 -2.50 31.73
CA GLU E 88 13.75 -2.16 32.88
C GLU E 88 15.07 -1.54 32.45
N ASN E 89 15.51 -0.54 33.21
CA ASN E 89 16.78 0.15 32.97
C ASN E 89 16.87 0.67 31.53
N CYS E 90 15.83 1.35 31.09
CA CYS E 90 15.74 1.87 29.73
C CYS E 90 15.60 3.39 29.77
N MET E 91 16.28 4.07 28.86
CA MET E 91 16.04 5.48 28.62
C MET E 91 15.99 5.72 27.12
N GLU E 92 15.29 6.78 26.72
CA GLU E 92 15.36 7.24 25.35
C GLU E 92 16.61 8.10 25.16
N MET E 93 17.28 7.90 24.04
CA MET E 93 18.41 8.74 23.67
C MET E 93 17.94 9.89 22.79
N ASP E 94 18.19 11.11 23.24
CA ASP E 94 17.97 12.27 22.41
C ASP E 94 19.14 12.45 21.45
N VAL E 95 18.94 13.35 20.47
CA VAL E 95 20.02 13.72 19.58
C VAL E 95 21.20 14.27 20.38
N MET E 96 20.90 15.06 21.42
CA MET E 96 21.94 15.58 22.29
C MET E 96 22.67 14.46 23.00
N SER E 97 21.94 13.44 23.45
CA SER E 97 22.59 12.30 24.11
C SER E 97 23.53 11.58 23.15
N VAL E 98 23.07 11.29 21.94
CA VAL E 98 23.93 10.64 20.96
C VAL E 98 25.17 11.49 20.71
N ALA E 99 24.98 12.81 20.59
CA ALA E 99 26.10 13.71 20.33
C ALA E 99 27.10 13.69 21.47
N THR E 100 26.63 13.69 22.73
CA THR E 100 27.58 13.76 23.83
C THR E 100 28.34 12.46 23.99
N ILE E 101 27.68 11.31 23.78
CA ILE E 101 28.45 10.07 23.81
C ILE E 101 29.48 10.04 22.69
N VAL E 102 29.10 10.50 21.49
CA VAL E 102 30.05 10.52 20.38
C VAL E 102 31.25 11.40 20.71
N ILE E 103 30.99 12.60 21.24
CA ILE E 103 32.08 13.53 21.55
C ILE E 103 32.97 12.98 22.65
N VAL E 104 32.37 12.40 23.70
CA VAL E 104 33.16 11.81 24.77
C VAL E 104 34.08 10.73 24.22
N ASP E 105 33.53 9.84 23.38
CA ASP E 105 34.34 8.78 22.81
C ASP E 105 35.50 9.31 21.97
N ILE E 106 35.21 10.28 21.10
CA ILE E 106 36.26 10.83 20.24
C ILE E 106 37.35 11.47 21.08
N CYS E 107 36.97 12.26 22.08
CA CYS E 107 37.97 12.94 22.90
C CYS E 107 38.83 11.94 23.67
N ILE E 108 38.21 10.96 24.34
CA ILE E 108 39.00 10.02 25.12
C ILE E 108 39.93 9.22 24.20
N THR E 109 39.42 8.79 23.05
CA THR E 109 40.25 8.01 22.13
C THR E 109 41.44 8.82 21.65
N GLY E 110 41.20 10.03 21.14
CA GLY E 110 42.31 10.84 20.65
C GLY E 110 43.31 11.18 21.73
N GLY E 111 42.83 11.53 22.92
CA GLY E 111 43.73 11.83 24.01
C GLY E 111 44.63 10.67 24.36
N LEU E 112 44.05 9.46 24.45
CA LEU E 112 44.88 8.30 24.77
C LEU E 112 45.82 7.97 23.62
N LEU E 113 45.41 8.20 22.38
CA LEU E 113 46.30 7.94 21.25
C LEU E 113 47.53 8.84 21.30
N LEU E 114 47.33 10.15 21.49
CA LEU E 114 48.48 11.04 21.59
C LEU E 114 49.32 10.75 22.83
N LEU E 115 48.67 10.34 23.93
CA LEU E 115 49.42 9.98 25.12
C LEU E 115 50.33 8.78 24.86
N VAL E 116 49.81 7.76 24.19
CA VAL E 116 50.62 6.60 23.88
C VAL E 116 51.72 6.96 22.89
N TYR E 117 51.41 7.85 21.95
CA TYR E 117 52.42 8.33 21.01
C TYR E 117 53.59 8.95 21.75
N TYR E 118 53.31 9.88 22.68
CA TYR E 118 54.38 10.51 23.44
C TYR E 118 55.11 9.51 24.33
N TRP E 119 54.38 8.60 24.98
CA TRP E 119 55.02 7.64 25.86
C TRP E 119 55.97 6.73 25.09
N SER E 120 55.53 6.21 23.96
CA SER E 120 56.36 5.27 23.20
C SER E 120 57.46 6.00 22.43
N LYS E 121 57.28 7.31 22.19
CA LYS E 121 58.33 8.08 21.54
C LYS E 121 59.61 8.08 22.38
N ASN E 122 59.46 7.98 23.71
CA ASN E 122 60.59 7.82 24.59
C ASN E 122 60.41 6.61 25.51
N LYS F 1 -20.24 13.66 26.06
CA LYS F 1 -19.25 14.02 25.05
C LYS F 1 -18.37 15.18 25.54
N GLY F 2 -19.02 16.29 25.90
CA GLY F 2 -18.29 17.45 26.36
C GLY F 2 -17.35 18.04 25.34
N ASN F 3 -17.79 18.12 24.08
CA ASN F 3 -17.01 18.63 22.96
C ASN F 3 -15.71 17.85 22.74
N HIS F 4 -15.61 16.63 23.25
CA HIS F 4 -14.43 15.80 23.02
C HIS F 4 -14.72 14.78 21.91
N LEU F 5 -14.96 15.31 20.71
CA LEU F 5 -15.31 14.47 19.57
C LEU F 5 -14.13 13.62 19.13
N VAL F 6 -12.92 14.00 19.52
CA VAL F 6 -11.73 13.31 19.05
C VAL F 6 -11.56 11.98 19.77
N LYS F 7 -11.34 10.92 19.01
CA LYS F 7 -11.00 9.61 19.56
C LYS F 7 -9.97 8.97 18.65
N VAL F 8 -9.23 8.00 19.20
CA VAL F 8 -8.13 7.35 18.49
C VAL F 8 -8.52 5.91 18.20
N TYR F 9 -8.40 5.52 16.93
CA TYR F 9 -8.56 4.14 16.51
C TYR F 9 -7.18 3.50 16.36
N ASP F 10 -6.90 2.51 17.20
CA ASP F 10 -5.56 1.94 17.27
C ASP F 10 -5.61 0.42 17.18
N TYR F 11 -4.44 -0.19 17.30
CA TYR F 11 -4.25 -1.64 17.21
C TYR F 11 -4.76 -2.18 15.88
N GLN F 12 -4.30 -1.58 14.79
CA GLN F 12 -4.65 -2.06 13.46
C GLN F 12 -3.80 -3.27 13.10
N GLU F 13 -4.16 -3.92 12.00
CA GLU F 13 -3.33 -4.99 11.47
C GLU F 13 -1.97 -4.46 11.05
N ASP F 14 -1.94 -3.29 10.42
CA ASP F 14 -0.69 -2.59 10.16
C ASP F 14 -0.49 -1.51 11.22
N GLY F 15 0.64 -1.57 11.91
CA GLY F 15 0.90 -0.69 13.04
C GLY F 15 0.83 0.77 12.69
N SER F 16 -0.24 1.44 13.12
CA SER F 16 -0.43 2.85 12.88
C SER F 16 -1.41 3.37 13.90
N VAL F 17 -1.36 4.68 14.15
CA VAL F 17 -2.25 5.34 15.08
C VAL F 17 -3.10 6.34 14.30
N LEU F 18 -4.42 6.23 14.45
CA LEU F 18 -5.34 7.08 13.71
C LEU F 18 -6.19 7.87 14.69
N LEU F 19 -6.27 9.19 14.47
CA LEU F 19 -7.08 10.07 15.29
C LEU F 19 -8.33 10.46 14.51
N THR F 20 -9.50 10.22 15.10
CA THR F 20 -10.78 10.48 14.48
C THR F 20 -11.58 11.46 15.31
N CYS F 21 -12.11 12.50 14.67
CA CYS F 21 -12.98 13.47 15.33
C CYS F 21 -14.42 13.17 14.96
N ASP F 22 -15.28 13.04 15.97
CA ASP F 22 -16.65 12.57 15.78
C ASP F 22 -17.52 13.67 15.17
N ALA F 23 -17.21 14.00 13.91
CA ALA F 23 -17.95 15.00 13.15
C ALA F 23 -18.03 14.57 11.70
N GLU F 24 -19.24 14.51 11.17
CA GLU F 24 -19.45 14.26 9.74
C GLU F 24 -19.80 15.59 9.05
N ALA F 25 -18.76 16.40 8.85
CA ALA F 25 -18.92 17.72 8.30
C ALA F 25 -17.80 18.02 7.31
N LYS F 26 -18.05 18.98 6.44
CA LYS F 26 -17.04 19.41 5.49
C LYS F 26 -16.11 20.44 6.12
N ASN F 27 -14.84 20.39 5.72
CA ASN F 27 -13.81 21.32 6.20
C ASN F 27 -13.67 21.28 7.72
N ILE F 28 -13.64 20.09 8.30
CA ILE F 28 -13.30 19.96 9.71
C ILE F 28 -11.85 20.36 9.90
N THR F 29 -11.64 21.50 10.55
CA THR F 29 -10.33 22.14 10.65
C THR F 29 -9.69 21.77 11.99
N TRP F 30 -8.73 20.86 11.97
CA TRP F 30 -7.93 20.58 13.15
C TRP F 30 -6.98 21.73 13.42
N PHE F 31 -6.80 22.08 14.69
CA PHE F 31 -5.86 23.12 15.10
C PHE F 31 -4.67 22.51 15.82
N LYS F 32 -3.48 23.02 15.51
CA LYS F 32 -2.25 22.72 16.23
C LYS F 32 -1.72 24.02 16.82
N ASP F 33 -1.47 24.02 18.13
CA ASP F 33 -0.98 25.20 18.84
C ASP F 33 -1.88 26.41 18.65
N GLY F 34 -3.18 26.17 18.63
CA GLY F 34 -4.16 27.24 18.51
C GLY F 34 -4.42 27.72 17.10
N LYS F 35 -3.74 27.16 16.11
CA LYS F 35 -3.93 27.53 14.71
C LYS F 35 -4.22 26.27 13.91
N MET F 36 -4.99 26.42 12.83
CA MET F 36 -5.38 25.28 12.03
C MET F 36 -4.16 24.62 11.41
N ILE F 37 -3.91 23.36 11.78
CA ILE F 37 -2.85 22.60 11.14
C ILE F 37 -3.21 22.32 9.69
N GLY F 38 -4.47 22.08 9.41
CA GLY F 38 -4.93 21.89 8.05
C GLY F 38 -6.43 21.70 8.00
N PHE F 39 -7.04 22.25 6.95
CA PHE F 39 -8.46 22.04 6.74
C PHE F 39 -8.71 20.63 6.21
N LEU F 40 -9.92 20.14 6.43
CA LEU F 40 -10.23 18.74 6.16
C LEU F 40 -9.98 18.38 4.71
N THR F 41 -9.30 17.26 4.49
CA THR F 41 -9.25 16.66 3.17
C THR F 41 -10.65 16.26 2.74
N GLU F 42 -10.97 16.48 1.48
CA GLU F 42 -12.32 16.24 0.99
C GLU F 42 -12.68 14.76 1.13
N ASP F 43 -13.88 14.52 1.69
CA ASP F 43 -14.53 13.23 1.87
C ASP F 43 -13.87 12.39 2.98
N LYS F 44 -12.74 12.82 3.53
CA LYS F 44 -12.07 12.09 4.60
C LYS F 44 -12.10 12.95 5.85
N LYS F 45 -12.65 12.40 6.94
CA LYS F 45 -12.89 13.18 8.16
C LYS F 45 -11.79 13.04 9.19
N LYS F 46 -10.97 12.00 9.12
CA LYS F 46 -10.02 11.68 10.18
C LYS F 46 -8.61 12.04 9.74
N TRP F 47 -7.77 12.39 10.71
CA TRP F 47 -6.37 12.65 10.41
C TRP F 47 -5.50 11.47 10.82
N ASN F 48 -4.50 11.18 9.99
CA ASN F 48 -3.61 10.05 10.21
C ASN F 48 -2.21 10.59 10.47
N LEU F 49 -1.83 10.66 11.76
CA LEU F 49 -0.53 11.21 12.10
C LEU F 49 0.60 10.29 11.65
N GLY F 50 0.32 8.99 11.51
CA GLY F 50 1.27 8.05 10.98
C GLY F 50 1.32 6.78 11.83
N SER F 51 2.43 6.07 11.70
CA SER F 51 2.61 4.80 12.38
C SER F 51 2.84 5.01 13.88
N ASN F 52 2.66 3.92 14.64
CA ASN F 52 2.80 3.98 16.09
C ASN F 52 4.23 4.25 16.50
N ALA F 53 5.21 3.83 15.68
CA ALA F 53 6.60 3.96 16.08
C ALA F 53 7.10 5.40 15.97
N LYS F 54 6.38 6.24 15.24
CA LYS F 54 6.82 7.61 15.06
C LYS F 54 6.73 8.39 16.37
N ASP F 55 5.82 8.01 17.25
CA ASP F 55 5.62 8.62 18.56
C ASP F 55 5.29 10.11 18.44
N PRO F 56 4.18 10.47 17.81
CA PRO F 56 3.85 11.90 17.68
C PRO F 56 3.47 12.51 19.02
N ARG F 57 4.01 13.70 19.27
CA ARG F 57 3.80 14.41 20.53
C ARG F 57 3.34 15.82 20.25
N GLY F 58 2.23 16.23 20.86
CA GLY F 58 1.77 17.60 20.68
C GLY F 58 0.40 17.83 21.27
N MET F 59 -0.10 19.04 21.04
CA MET F 59 -1.48 19.37 21.39
C MET F 59 -2.33 19.39 20.12
N TYR F 60 -3.41 18.62 20.11
CA TYR F 60 -4.24 18.44 18.93
C TYR F 60 -5.65 18.94 19.19
N GLN F 61 -6.12 19.83 18.32
CA GLN F 61 -7.48 20.35 18.38
C GLN F 61 -8.22 19.97 17.10
N CYS F 62 -9.54 19.89 17.18
CA CYS F 62 -10.39 19.57 16.04
C CYS F 62 -11.59 20.51 16.04
N LYS F 63 -11.95 21.00 14.85
CA LYS F 63 -13.12 21.86 14.66
C LYS F 63 -13.81 21.52 13.35
N GLY F 64 -15.09 21.16 13.44
CA GLY F 64 -15.91 20.98 12.26
C GLY F 64 -16.58 22.28 11.85
N SER F 65 -17.77 22.15 11.27
CA SER F 65 -18.59 23.34 11.02
C SER F 65 -18.97 24.02 12.32
N GLN F 66 -19.25 23.24 13.36
CA GLN F 66 -19.56 23.75 14.69
C GLN F 66 -18.27 24.26 15.35
N ASN F 67 -18.43 24.78 16.58
CA ASN F 67 -17.29 25.25 17.35
C ASN F 67 -16.27 24.13 17.55
N LYS F 68 -15.04 24.52 17.86
CA LYS F 68 -13.95 23.56 17.94
C LYS F 68 -14.21 22.52 19.02
N SER F 69 -13.88 21.27 18.71
CA SER F 69 -13.95 20.22 19.72
C SER F 69 -12.87 20.43 20.77
N LYS F 70 -13.21 20.15 22.02
CA LYS F 70 -12.25 20.37 23.10
C LYS F 70 -11.05 19.43 22.90
N PRO F 71 -9.83 19.96 22.93
CA PRO F 71 -8.68 19.20 22.44
C PRO F 71 -8.40 17.93 23.24
N LEU F 72 -7.88 16.92 22.55
CA LEU F 72 -7.43 15.67 23.14
C LEU F 72 -5.92 15.58 23.02
N GLN F 73 -5.23 15.61 24.15
CA GLN F 73 -3.77 15.53 24.14
C GLN F 73 -3.32 14.08 24.01
N VAL F 74 -2.32 13.84 23.18
CA VAL F 74 -1.82 12.51 22.90
C VAL F 74 -0.34 12.45 23.25
N TYR F 75 0.03 11.47 24.08
CA TYR F 75 1.41 11.27 24.47
C TYR F 75 1.81 9.83 24.14
N TYR F 76 2.90 9.67 23.40
CA TYR F 76 3.34 8.37 22.95
C TYR F 76 4.83 8.22 23.21
N ARG F 77 5.21 7.18 23.95
CA ARG F 77 6.62 6.87 24.22
C ARG F 77 6.79 5.41 23.74
N MET F 78 6.33 5.16 22.54
CA MET F 78 6.40 3.81 22.00
C MET F 78 7.84 3.56 21.59
N CYS F 79 8.67 3.23 22.59
CA CYS F 79 10.13 3.44 22.53
C CYS F 79 10.75 2.71 21.35
N GLN F 80 11.61 3.41 20.62
CA GLN F 80 12.35 2.86 19.49
C GLN F 80 13.85 2.84 19.74
N ASN F 81 14.43 3.97 20.11
CA ASN F 81 15.86 4.06 20.41
C ASN F 81 16.08 3.89 21.92
N CYS F 82 15.65 2.73 22.41
CA CYS F 82 15.65 2.40 23.82
C CYS F 82 16.42 1.11 24.04
N ILE F 83 17.37 1.13 24.98
CA ILE F 83 18.18 -0.04 25.31
C ILE F 83 18.12 -0.29 26.80
N GLU F 84 18.66 -1.43 27.22
CA GLU F 84 18.74 -1.81 28.62
C GLU F 84 20.18 -1.64 29.10
N LEU F 85 20.36 -1.01 30.26
CA LEU F 85 21.65 -0.91 30.90
C LEU F 85 21.80 -1.99 31.97
N ASN F 86 21.58 -3.23 31.55
CA ASN F 86 21.82 -4.33 32.47
C ASN F 86 23.32 -4.56 32.66
N ALA F 87 23.66 -5.44 33.60
CA ALA F 87 25.06 -5.72 33.86
C ALA F 87 25.75 -6.25 32.61
N ALA F 88 25.08 -7.11 31.85
CA ALA F 88 25.71 -7.71 30.67
C ALA F 88 25.97 -6.68 29.58
N THR F 89 25.01 -5.78 29.34
CA THR F 89 25.17 -4.84 28.23
C THR F 89 26.26 -3.82 28.53
N ILE F 90 26.28 -3.25 29.74
CA ILE F 90 27.32 -2.29 30.07
C ILE F 90 28.69 -2.96 30.11
N SER F 91 28.74 -4.20 30.60
CA SER F 91 30.01 -4.93 30.61
C SER F 91 30.51 -5.18 29.20
N GLY F 92 29.61 -5.58 28.30
CA GLY F 92 30.01 -5.80 26.92
C GLY F 92 30.45 -4.52 26.23
N PHE F 93 29.74 -3.42 26.48
CA PHE F 93 30.14 -2.14 25.92
C PHE F 93 31.52 -1.74 26.41
N LEU F 94 31.76 -1.86 27.72
CA LEU F 94 33.06 -1.50 28.26
C LEU F 94 34.15 -2.44 27.79
N PHE F 95 33.82 -3.71 27.56
CA PHE F 95 34.81 -4.67 27.09
C PHE F 95 35.21 -4.36 25.66
N ALA F 96 34.23 -4.09 24.79
CA ALA F 96 34.56 -3.68 23.43
C ALA F 96 35.36 -2.38 23.44
N GLU F 97 34.97 -1.44 24.32
CA GLU F 97 35.77 -0.24 24.53
C GLU F 97 37.21 -0.59 24.88
N ILE F 98 37.42 -1.51 25.82
CA ILE F 98 38.76 -1.79 26.32
C ILE F 98 39.61 -2.41 25.22
N VAL F 99 39.08 -3.43 24.54
CA VAL F 99 39.85 -4.08 23.49
C VAL F 99 40.12 -3.13 22.34
N SER F 100 39.11 -2.33 21.94
CA SER F 100 39.34 -1.37 20.88
C SER F 100 40.41 -0.36 21.26
N ILE F 101 40.29 0.24 22.45
CA ILE F 101 41.26 1.24 22.85
C ILE F 101 42.66 0.62 22.95
N PHE F 102 42.76 -0.60 23.47
CA PHE F 102 44.07 -1.23 23.58
C PHE F 102 44.68 -1.52 22.21
N VAL F 103 43.87 -2.04 21.27
CA VAL F 103 44.40 -2.34 19.95
C VAL F 103 44.84 -1.06 19.26
N LEU F 104 44.02 -0.01 19.35
CA LEU F 104 44.35 1.25 18.72
C LEU F 104 45.62 1.83 19.33
N ALA F 105 45.78 1.68 20.64
CA ALA F 105 46.98 2.20 21.31
C ALA F 105 48.21 1.37 20.96
N VAL F 106 48.05 0.07 20.75
CA VAL F 106 49.19 -0.75 20.31
C VAL F 106 49.65 -0.30 18.93
N GLY F 107 48.71 -0.10 18.02
CA GLY F 107 49.06 0.43 16.72
C GLY F 107 49.77 1.76 16.83
N VAL F 108 49.30 2.63 17.72
CA VAL F 108 49.94 3.92 17.92
C VAL F 108 51.35 3.73 18.48
N TYR F 109 51.52 2.80 19.43
CA TYR F 109 52.84 2.56 19.98
C TYR F 109 53.84 2.19 18.89
N PHE F 110 53.47 1.25 18.04
CA PHE F 110 54.38 0.87 16.96
C PHE F 110 54.59 2.01 15.98
N ILE F 111 53.53 2.75 15.68
CA ILE F 111 53.59 3.79 14.66
C ILE F 111 54.54 4.91 15.12
N ALA F 112 54.54 5.19 16.42
CA ALA F 112 55.48 6.15 16.95
C ALA F 112 56.88 5.56 17.09
N GLY F 113 56.95 4.28 17.45
CA GLY F 113 58.25 3.68 17.73
C GLY F 113 59.12 3.57 16.49
N GLN F 114 58.52 3.29 15.34
CA GLN F 114 59.35 3.15 14.14
C GLN F 114 59.86 4.52 13.68
N ASP F 115 58.95 5.47 13.49
CA ASP F 115 59.31 6.80 13.00
C ASP F 115 59.80 7.70 14.13
N VAL G 1 3.65 -7.96 17.79
CA VAL G 1 4.93 -7.31 17.55
C VAL G 1 5.14 -7.12 16.05
N HIS G 2 5.76 -6.01 15.67
CA HIS G 2 6.00 -5.68 14.27
C HIS G 2 7.49 -5.78 13.97
N THR G 3 7.83 -6.59 12.98
CA THR G 3 9.22 -6.93 12.73
C THR G 3 9.86 -5.97 11.74
N GLU G 4 9.12 -4.99 11.25
CA GLU G 4 9.61 -4.20 10.12
C GLU G 4 10.82 -3.36 10.51
N LYS G 5 10.74 -2.65 11.63
CA LYS G 5 11.83 -1.77 12.00
C LYS G 5 13.01 -2.54 12.60
N VAL G 6 12.72 -3.57 13.39
CA VAL G 6 13.81 -4.35 13.99
C VAL G 6 14.61 -5.06 12.92
N ASN G 7 13.96 -5.43 11.80
CA ASN G 7 14.68 -6.01 10.69
C ASN G 7 15.66 -5.01 10.09
N MET G 8 15.26 -3.74 10.00
CA MET G 8 16.24 -2.74 9.59
C MET G 8 17.35 -2.57 10.62
N MET G 9 17.03 -2.64 11.91
CA MET G 9 18.11 -2.52 12.88
C MET G 9 19.12 -3.63 12.69
N SER G 10 18.64 -4.85 12.47
CA SER G 10 19.55 -5.96 12.18
C SER G 10 20.35 -5.73 10.90
N LEU G 11 19.69 -5.25 9.85
CA LEU G 11 20.38 -5.02 8.59
C LEU G 11 21.45 -3.93 8.73
N THR G 12 21.14 -2.86 9.45
CA THR G 12 22.09 -1.77 9.62
C THR G 12 23.25 -2.20 10.51
N VAL G 13 22.98 -3.06 11.50
CA VAL G 13 24.08 -3.63 12.27
C VAL G 13 24.97 -4.46 11.37
N LEU G 14 24.37 -5.21 10.45
CA LEU G 14 25.17 -5.99 9.50
C LEU G 14 26.02 -5.07 8.63
N GLY G 15 25.43 -3.96 8.18
CA GLY G 15 26.17 -3.02 7.37
C GLY G 15 27.29 -2.34 8.13
N LEU G 16 27.06 -2.03 9.40
CA LEU G 16 28.10 -1.44 10.22
C LEU G 16 29.21 -2.43 10.49
N ARG G 17 28.87 -3.72 10.60
CA ARG G 17 29.91 -4.74 10.75
C ARG G 17 30.76 -4.86 9.49
N MET G 18 30.13 -4.81 8.31
CA MET G 18 30.90 -4.71 7.07
C MET G 18 31.79 -3.47 7.04
N LEU G 19 31.26 -2.31 7.42
CA LEU G 19 32.11 -1.12 7.43
C LEU G 19 33.27 -1.27 8.41
N PHE G 20 33.01 -1.80 9.61
CA PHE G 20 34.07 -1.92 10.60
C PHE G 20 35.12 -2.92 10.17
N ALA G 21 34.70 -4.07 9.63
CA ALA G 21 35.68 -5.04 9.16
C ALA G 21 36.53 -4.48 8.04
N LYS G 22 35.90 -3.79 7.08
CA LYS G 22 36.68 -3.20 6.00
C LYS G 22 37.63 -2.14 6.53
N THR G 23 37.17 -1.34 7.50
CA THR G 23 38.02 -0.26 7.99
C THR G 23 39.18 -0.80 8.82
N VAL G 24 38.94 -1.86 9.60
CA VAL G 24 40.02 -2.52 10.32
C VAL G 24 41.04 -3.07 9.35
N ALA G 25 40.58 -3.68 8.27
CA ALA G 25 41.49 -4.11 7.21
C ALA G 25 42.30 -2.91 6.70
N VAL G 26 41.65 -1.76 6.56
CA VAL G 26 42.34 -0.57 6.07
C VAL G 26 43.46 -0.15 7.03
N ASN G 27 43.15 -0.04 8.32
CA ASN G 27 44.19 0.40 9.24
C ASN G 27 45.33 -0.60 9.30
N PHE G 28 45.02 -1.90 9.31
CA PHE G 28 46.09 -2.88 9.34
C PHE G 28 46.95 -2.82 8.10
N LEU G 29 46.33 -2.68 6.92
CA LEU G 29 47.09 -2.62 5.68
C LEU G 29 47.99 -1.40 5.67
N LEU G 30 47.47 -0.26 6.13
CA LEU G 30 48.29 0.95 6.15
C LEU G 30 49.43 0.82 7.15
N THR G 31 49.19 0.17 8.29
CA THR G 31 50.26 -0.02 9.25
C THR G 31 51.35 -0.92 8.68
N ALA G 32 50.95 -2.00 8.00
CA ALA G 32 51.93 -2.87 7.36
C ALA G 32 52.74 -2.11 6.32
N LYS G 33 52.07 -1.25 5.54
CA LYS G 33 52.80 -0.38 4.63
C LYS G 33 53.83 0.47 5.37
N LEU G 34 53.41 1.15 6.43
CA LEU G 34 54.33 2.07 7.07
C LEU G 34 55.50 1.33 7.69
N PHE G 35 55.30 0.05 8.03
CA PHE G 35 56.42 -0.78 8.45
C PHE G 35 57.29 -1.18 7.27
N PHE G 36 56.70 -1.23 6.06
CA PHE G 36 57.50 -1.55 4.88
C PHE G 36 57.58 -0.38 3.91
N ASP H 1 11.58 -11.02 24.60
CA ASP H 1 11.35 -11.55 23.26
C ASP H 1 11.90 -10.60 22.19
N THR H 2 11.11 -10.36 21.14
CA THR H 2 11.57 -9.53 20.02
C THR H 2 11.92 -8.12 20.50
N LEU H 3 11.28 -7.66 21.57
CA LEU H 3 11.69 -6.37 22.16
C LEU H 3 13.15 -6.39 22.59
N LEU H 4 13.56 -7.45 23.29
CA LEU H 4 14.96 -7.58 23.67
C LEU H 4 15.86 -7.53 22.43
N LEU H 5 15.40 -8.13 21.33
CA LEU H 5 16.15 -8.04 20.08
C LEU H 5 16.25 -6.61 19.59
N GLN H 6 15.15 -5.85 19.70
CA GLN H 6 15.20 -4.44 19.33
C GLN H 6 16.25 -3.70 20.16
N LEU H 7 16.25 -3.91 21.47
CA LEU H 7 17.20 -3.21 22.33
C LEU H 7 18.64 -3.61 22.00
N THR H 8 18.92 -4.90 21.86
CA THR H 8 20.29 -5.30 21.59
C THR H 8 20.74 -4.82 20.21
N ASN H 9 19.82 -4.81 19.23
CA ASN H 9 20.17 -4.35 17.91
C ASN H 9 20.56 -2.87 17.92
N THR H 10 19.76 -2.04 18.58
CA THR H 10 20.10 -0.61 18.58
C THR H 10 21.33 -0.34 19.44
N SER H 11 21.52 -1.12 20.51
CA SER H 11 22.75 -0.99 21.28
C SER H 11 23.97 -1.32 20.44
N ALA H 12 23.91 -2.41 19.68
CA ALA H 12 25.01 -2.78 18.81
C ALA H 12 25.23 -1.73 17.75
N TYR H 13 24.15 -1.16 17.22
CA TYR H 13 24.30 -0.10 16.22
C TYR H 13 25.06 1.09 16.79
N TYR H 14 24.69 1.54 17.99
CA TYR H 14 25.40 2.65 18.60
C TYR H 14 26.86 2.29 18.88
N MET H 15 27.10 1.08 19.41
CA MET H 15 28.46 0.69 19.75
C MET H 15 29.34 0.64 18.51
N TYR H 16 28.83 0.06 17.43
CA TYR H 16 29.60 -0.01 16.19
C TYR H 16 29.82 1.36 15.59
N LEU H 17 28.84 2.28 15.75
CA LEU H 17 29.09 3.63 15.28
C LEU H 17 30.25 4.26 16.05
N LEU H 18 30.30 4.05 17.37
CA LEU H 18 31.43 4.58 18.13
C LEU H 18 32.74 3.95 17.71
N LEU H 19 32.76 2.64 17.51
CA LEU H 19 34.00 1.98 17.09
C LEU H 19 34.45 2.47 15.72
N LEU H 20 33.52 2.68 14.79
CA LEU H 20 33.86 3.22 13.49
C LEU H 20 34.47 4.61 13.64
N LEU H 21 33.90 5.46 14.48
CA LEU H 21 34.47 6.79 14.68
C LEU H 21 35.88 6.70 15.28
N LYS H 22 36.08 5.79 16.22
CA LYS H 22 37.40 5.56 16.77
C LYS H 22 38.39 5.21 15.66
N SER H 23 38.06 4.22 14.84
CA SER H 23 38.97 3.79 13.81
C SER H 23 39.17 4.89 12.77
N VAL H 24 38.18 5.76 12.60
CA VAL H 24 38.31 6.85 11.64
C VAL H 24 39.30 7.90 12.15
N VAL H 25 39.23 8.24 13.43
CA VAL H 25 40.22 9.20 13.95
C VAL H 25 41.61 8.58 13.90
N TYR H 26 41.71 7.27 14.14
CA TYR H 26 43.00 6.60 14.02
C TYR H 26 43.48 6.61 12.56
N PHE H 27 42.55 6.46 11.62
CA PHE H 27 42.90 6.56 10.21
C PHE H 27 43.43 7.94 9.87
N ALA H 28 42.80 8.98 10.43
CA ALA H 28 43.30 10.33 10.21
C ALA H 28 44.71 10.49 10.77
N ILE H 29 44.95 9.94 11.96
CA ILE H 29 46.27 10.03 12.57
C ILE H 29 47.32 9.32 11.73
N ILE H 30 47.03 8.10 11.29
CA ILE H 30 48.02 7.33 10.54
C ILE H 30 48.21 7.92 9.15
N THR H 31 47.17 8.53 8.57
CA THR H 31 47.35 9.22 7.30
C THR H 31 48.25 10.43 7.47
N CYS H 32 48.08 11.17 8.57
CA CYS H 32 49.00 12.27 8.87
C CYS H 32 50.44 11.76 8.99
N CYS H 33 50.65 10.66 9.71
CA CYS H 33 51.99 10.13 9.88
C CYS H 33 52.59 9.67 8.56
N LEU H 34 51.80 8.98 7.73
CA LEU H 34 52.30 8.53 6.43
C LEU H 34 52.65 9.71 5.54
N LEU H 35 51.78 10.72 5.51
CA LEU H 35 52.05 11.89 4.66
C LEU H 35 53.29 12.63 5.14
N ARG H 36 53.49 12.72 6.46
CA ARG H 36 54.73 13.30 6.96
C ARG H 36 55.94 12.46 6.55
N ARG H 37 55.79 11.13 6.59
CA ARG H 37 56.87 10.27 6.12
C ARG H 37 57.09 10.43 4.62
N THR H 38 56.02 10.54 3.85
CA THR H 38 56.14 10.73 2.41
C THR H 38 56.13 12.21 2.05
N ASP I 1 -25.15 -12.98 -34.39
CA ASP I 1 -25.40 -12.28 -33.13
C ASP I 1 -26.75 -12.70 -32.56
N ILE I 2 -27.27 -11.88 -31.65
CA ILE I 2 -28.59 -12.11 -31.06
C ILE I 2 -29.55 -11.21 -31.82
N GLN I 3 -30.20 -11.78 -32.83
CA GLN I 3 -31.11 -11.00 -33.66
C GLN I 3 -32.42 -10.79 -32.92
N MET I 4 -32.85 -9.54 -32.82
CA MET I 4 -33.97 -9.16 -31.99
C MET I 4 -35.14 -8.75 -32.88
N THR I 5 -36.25 -9.47 -32.75
CA THR I 5 -37.39 -9.31 -33.65
C THR I 5 -38.66 -9.04 -32.87
N GLN I 6 -39.72 -8.73 -33.60
CA GLN I 6 -41.04 -8.45 -33.02
C GLN I 6 -42.10 -9.15 -33.86
N THR I 7 -43.23 -9.45 -33.22
CA THR I 7 -44.25 -10.28 -33.88
C THR I 7 -44.88 -9.55 -35.06
N THR I 8 -45.35 -8.32 -34.85
CA THR I 8 -46.06 -7.58 -35.87
C THR I 8 -45.46 -6.20 -36.03
N SER I 9 -45.54 -5.66 -37.25
CA SER I 9 -45.03 -4.31 -37.50
C SER I 9 -45.95 -3.25 -36.92
N SER I 10 -47.26 -3.46 -37.00
CA SER I 10 -48.24 -2.51 -36.50
C SER I 10 -49.41 -3.27 -35.87
N LEU I 11 -50.02 -2.65 -34.87
CA LEU I 11 -51.21 -3.19 -34.23
C LEU I 11 -52.23 -2.07 -34.05
N SER I 12 -53.51 -2.41 -34.18
CA SER I 12 -54.59 -1.44 -34.07
C SER I 12 -55.46 -1.79 -32.86
N ALA I 13 -55.74 -0.78 -32.04
CA ALA I 13 -56.58 -0.95 -30.87
C ALA I 13 -57.24 0.39 -30.52
N SER I 14 -58.38 0.31 -29.84
CA SER I 14 -59.10 1.51 -29.46
C SER I 14 -58.48 2.14 -28.21
N LEU I 15 -58.88 3.37 -27.93
CA LEU I 15 -58.38 4.08 -26.75
C LEU I 15 -58.88 3.42 -25.48
N GLY I 16 -58.04 3.44 -24.44
CA GLY I 16 -58.40 2.85 -23.17
C GLY I 16 -58.23 1.35 -23.08
N ASP I 17 -57.69 0.72 -24.12
CA ASP I 17 -57.54 -0.72 -24.14
C ASP I 17 -56.19 -1.15 -23.57
N ARG I 18 -56.17 -2.38 -23.07
CA ARG I 18 -54.94 -3.01 -22.58
C ARG I 18 -54.40 -3.92 -23.68
N VAL I 19 -53.22 -3.59 -24.19
CA VAL I 19 -52.60 -4.31 -25.30
C VAL I 19 -51.21 -4.74 -24.90
N THR I 20 -50.70 -5.77 -25.56
CA THR I 20 -49.37 -6.31 -25.31
C THR I 20 -48.56 -6.32 -26.60
N ILE I 21 -47.26 -6.07 -26.48
CA ILE I 21 -46.33 -6.04 -27.61
C ILE I 21 -45.28 -7.11 -27.37
N SER I 22 -45.17 -8.05 -28.30
CA SER I 22 -44.26 -9.18 -28.14
C SER I 22 -42.92 -8.90 -28.81
N CYS I 23 -41.86 -9.32 -28.13
CA CYS I 23 -40.49 -9.20 -28.61
C CYS I 23 -39.77 -10.53 -28.40
N ARG I 24 -39.01 -10.94 -29.39
CA ARG I 24 -38.34 -12.23 -29.37
C ARG I 24 -36.85 -12.05 -29.63
N ALA I 25 -36.04 -12.93 -29.04
CA ALA I 25 -34.61 -12.90 -29.18
C ALA I 25 -34.13 -14.22 -29.74
N SER I 26 -33.06 -14.16 -30.54
CA SER I 26 -32.53 -15.38 -31.14
C SER I 26 -31.97 -16.33 -30.10
N GLN I 27 -31.36 -15.80 -29.04
CA GLN I 27 -30.85 -16.60 -27.93
C GLN I 27 -31.47 -16.09 -26.64
N ASP I 28 -31.34 -16.89 -25.59
CA ASP I 28 -31.77 -16.44 -24.28
C ASP I 28 -30.94 -15.23 -23.88
N ILE I 29 -31.60 -14.08 -23.76
CA ILE I 29 -30.93 -12.85 -23.40
C ILE I 29 -31.01 -12.59 -21.89
N ARG I 30 -31.38 -13.60 -21.10
CA ARG I 30 -31.28 -13.55 -19.65
C ARG I 30 -31.95 -12.32 -19.06
N ASN I 31 -33.11 -11.95 -19.61
CA ASN I 31 -33.95 -10.88 -19.08
C ASN I 31 -33.32 -9.50 -19.20
N TYR I 32 -32.28 -9.35 -20.03
CA TYR I 32 -31.60 -8.06 -20.20
C TYR I 32 -32.17 -7.33 -21.43
N LEU I 33 -33.46 -7.00 -21.36
CA LEU I 33 -34.12 -6.41 -22.51
C LEU I 33 -34.76 -5.09 -22.12
N ASN I 34 -34.63 -4.11 -23.02
CA ASN I 34 -34.90 -2.70 -22.75
C ASN I 34 -35.98 -2.21 -23.70
N TRP I 35 -36.96 -1.49 -23.17
CA TRP I 35 -38.10 -1.03 -23.96
C TRP I 35 -38.07 0.48 -24.15
N TYR I 36 -38.16 0.92 -25.40
CA TYR I 36 -38.07 2.32 -25.75
C TYR I 36 -39.34 2.73 -26.49
N GLN I 37 -39.71 4.01 -26.36
CA GLN I 37 -40.87 4.57 -27.04
C GLN I 37 -40.41 5.59 -28.07
N GLN I 38 -40.64 5.29 -29.34
CA GLN I 38 -40.29 6.18 -30.45
C GLN I 38 -41.49 7.04 -30.81
N LYS I 39 -41.51 8.26 -30.29
CA LYS I 39 -42.57 9.21 -30.62
C LYS I 39 -42.43 9.65 -32.08
N PRO I 40 -43.55 10.03 -32.71
CA PRO I 40 -43.49 10.38 -34.14
C PRO I 40 -42.56 11.53 -34.46
N ASP I 41 -42.43 12.52 -33.56
CA ASP I 41 -41.60 13.68 -33.83
C ASP I 41 -40.11 13.35 -33.89
N GLY I 42 -39.72 12.19 -33.39
CA GLY I 42 -38.32 11.79 -33.35
C GLY I 42 -37.79 11.53 -31.95
N THR I 43 -38.31 12.21 -30.94
CA THR I 43 -37.85 11.99 -29.57
C THR I 43 -38.19 10.57 -29.13
N VAL I 44 -37.23 9.91 -28.50
CA VAL I 44 -37.38 8.54 -28.02
C VAL I 44 -36.82 8.45 -26.60
N LYS I 45 -37.47 7.66 -25.76
CA LYS I 45 -37.14 7.59 -24.35
C LYS I 45 -37.03 6.13 -23.94
N LEU I 46 -36.39 5.89 -22.79
CA LEU I 46 -36.30 4.55 -22.23
C LEU I 46 -37.49 4.32 -21.30
N LEU I 47 -38.35 3.38 -21.65
CA LEU I 47 -39.55 3.14 -20.86
C LEU I 47 -39.26 2.25 -19.65
N ILE I 48 -38.82 1.03 -19.90
CA ILE I 48 -38.44 0.12 -18.82
C ILE I 48 -37.11 -0.53 -19.18
N TYR I 49 -36.42 -1.04 -18.16
CA TYR I 49 -35.15 -1.73 -18.36
C TYR I 49 -35.17 -3.03 -17.59
N TYR I 50 -34.18 -3.88 -17.88
CA TYR I 50 -34.11 -5.22 -17.30
C TYR I 50 -35.38 -5.96 -17.71
N THR I 51 -35.82 -6.93 -16.92
CA THR I 51 -37.07 -7.61 -17.23
C THR I 51 -38.23 -6.63 -17.24
N SER I 52 -38.50 -6.02 -16.08
CA SER I 52 -39.74 -5.28 -15.88
C SER I 52 -39.52 -3.97 -15.14
N ARG I 53 -38.29 -3.71 -14.70
CA ARG I 53 -38.00 -2.54 -13.88
C ARG I 53 -38.44 -1.24 -14.55
N LEU I 54 -39.22 -0.43 -13.84
CA LEU I 54 -39.69 0.82 -14.39
C LEU I 54 -38.58 1.88 -14.29
N HIS I 55 -38.61 2.82 -15.21
CA HIS I 55 -37.62 3.89 -15.26
C HIS I 55 -38.24 5.18 -14.72
N SER I 56 -37.44 5.94 -13.98
CA SER I 56 -37.91 7.14 -13.30
C SER I 56 -38.51 8.14 -14.29
N GLY I 57 -39.70 8.64 -13.98
CA GLY I 57 -40.40 9.57 -14.83
C GLY I 57 -41.36 8.93 -15.79
N VAL I 58 -41.20 7.64 -16.07
CA VAL I 58 -42.13 6.97 -16.97
C VAL I 58 -43.41 6.62 -16.21
N PRO I 59 -44.58 6.95 -16.73
CA PRO I 59 -45.82 6.65 -16.01
C PRO I 59 -46.00 5.15 -15.78
N SER I 60 -46.66 4.82 -14.68
CA SER I 60 -46.83 3.44 -14.23
C SER I 60 -47.76 2.64 -15.13
N LYS I 61 -48.44 3.28 -16.07
CA LYS I 61 -49.34 2.58 -16.97
C LYS I 61 -48.61 1.61 -17.90
N PHE I 62 -47.27 1.71 -17.98
CA PHE I 62 -46.46 0.82 -18.78
C PHE I 62 -46.00 -0.34 -17.91
N SER I 63 -46.18 -1.56 -18.41
CA SER I 63 -45.78 -2.75 -17.66
C SER I 63 -45.16 -3.75 -18.61
N GLY I 64 -44.07 -4.37 -18.17
CA GLY I 64 -43.41 -5.38 -18.97
C GLY I 64 -43.35 -6.73 -18.27
N SER I 65 -43.04 -7.78 -19.03
CA SER I 65 -42.91 -9.11 -18.49
C SER I 65 -42.14 -9.97 -19.48
N GLY I 66 -41.90 -11.21 -19.12
CA GLY I 66 -41.26 -12.17 -20.00
C GLY I 66 -39.93 -12.64 -19.43
N SER I 67 -39.49 -13.79 -19.96
CA SER I 67 -38.23 -14.37 -19.52
C SER I 67 -37.72 -15.27 -20.62
N GLY I 68 -36.40 -15.36 -20.72
CA GLY I 68 -35.79 -16.19 -21.73
C GLY I 68 -35.70 -15.52 -23.09
N THR I 69 -36.47 -16.01 -24.05
CA THR I 69 -36.41 -15.50 -25.41
C THR I 69 -37.66 -14.76 -25.84
N ASP I 70 -38.73 -14.79 -25.05
CA ASP I 70 -39.99 -14.17 -25.43
C ASP I 70 -40.37 -13.12 -24.39
N TYR I 71 -40.62 -11.90 -24.85
CA TYR I 71 -40.84 -10.76 -23.98
C TYR I 71 -42.08 -10.01 -24.42
N SER I 72 -42.69 -9.29 -23.49
CA SER I 72 -43.96 -8.62 -23.76
C SER I 72 -44.02 -7.33 -22.97
N LEU I 73 -44.54 -6.28 -23.59
CA LEU I 73 -44.81 -5.03 -22.92
C LEU I 73 -46.32 -4.81 -22.92
N THR I 74 -46.94 -5.00 -21.76
CA THR I 74 -48.40 -4.94 -21.62
C THR I 74 -48.77 -3.55 -21.10
N ILE I 75 -49.06 -2.65 -22.04
CA ILE I 75 -49.37 -1.27 -21.68
C ILE I 75 -50.85 -1.14 -21.33
N SER I 76 -51.17 -0.14 -20.51
CA SER I 76 -52.49 0.04 -19.91
C SER I 76 -53.45 0.79 -20.81
N ASN I 77 -54.54 1.28 -20.23
CA ASN I 77 -55.54 2.08 -20.93
C ASN I 77 -54.92 3.05 -21.93
N LEU I 78 -55.25 2.87 -23.21
CA LEU I 78 -54.59 3.55 -24.32
C LEU I 78 -55.03 5.00 -24.37
N GLU I 79 -54.11 5.89 -24.01
CA GLU I 79 -54.29 7.31 -24.21
C GLU I 79 -53.78 7.71 -25.60
N GLN I 80 -54.08 8.94 -26.00
CA GLN I 80 -53.64 9.41 -27.31
C GLN I 80 -52.13 9.63 -27.35
N GLU I 81 -51.54 10.04 -26.22
CA GLU I 81 -50.09 10.19 -26.16
C GLU I 81 -49.38 8.84 -26.31
N ASP I 82 -50.08 7.75 -25.99
CA ASP I 82 -49.50 6.42 -26.08
C ASP I 82 -49.13 6.03 -27.52
N ILE I 83 -49.69 6.72 -28.52
CA ILE I 83 -49.46 6.34 -29.92
C ILE I 83 -48.03 6.70 -30.28
N ALA I 84 -47.18 5.68 -30.43
CA ALA I 84 -45.78 5.84 -30.82
C ALA I 84 -45.27 4.47 -31.24
N THR I 85 -43.99 4.41 -31.57
CA THR I 85 -43.35 3.14 -31.93
C THR I 85 -42.51 2.64 -30.76
N TYR I 86 -42.61 1.36 -30.46
CA TYR I 86 -41.97 0.76 -29.30
C TYR I 86 -40.89 -0.20 -29.73
N PHE I 87 -39.70 -0.07 -29.15
CA PHE I 87 -38.51 -0.81 -29.55
C PHE I 87 -37.98 -1.60 -28.37
N CYS I 88 -37.57 -2.84 -28.63
CA CYS I 88 -36.94 -3.68 -27.62
C CYS I 88 -35.49 -3.92 -28.00
N GLN I 89 -34.57 -3.64 -27.08
CA GLN I 89 -33.15 -3.78 -27.28
C GLN I 89 -32.56 -4.76 -26.30
N GLN I 90 -31.82 -5.73 -26.80
CA GLN I 90 -31.17 -6.70 -25.92
C GLN I 90 -29.97 -6.06 -25.25
N GLY I 91 -29.47 -6.72 -24.22
CA GLY I 91 -28.31 -6.23 -23.51
C GLY I 91 -27.42 -7.37 -23.06
N ASN I 92 -27.68 -8.57 -23.56
CA ASN I 92 -26.97 -9.74 -23.08
C ASN I 92 -25.52 -9.76 -23.57
N THR I 93 -25.32 -9.79 -24.88
CA THR I 93 -23.99 -9.86 -25.46
C THR I 93 -23.83 -8.73 -26.47
N LEU I 94 -22.60 -8.25 -26.61
CA LEU I 94 -22.31 -7.26 -27.63
C LEU I 94 -22.47 -7.86 -29.02
N PRO I 95 -22.93 -7.09 -30.00
CA PRO I 95 -23.37 -5.69 -29.98
C PRO I 95 -24.77 -5.61 -29.43
N TRP I 96 -25.21 -4.48 -28.88
CA TRP I 96 -26.62 -4.36 -28.56
C TRP I 96 -27.41 -4.24 -29.86
N THR I 97 -28.48 -5.03 -29.98
CA THR I 97 -29.30 -5.07 -31.17
C THR I 97 -30.73 -4.71 -30.82
N PHE I 98 -31.35 -3.89 -31.65
CA PHE I 98 -32.73 -3.48 -31.47
C PHE I 98 -33.63 -4.38 -32.31
N ALA I 99 -34.91 -4.03 -32.38
CA ALA I 99 -35.87 -4.77 -33.18
C ALA I 99 -36.63 -3.83 -34.11
N GLY I 100 -37.50 -4.42 -34.93
CA GLY I 100 -38.20 -3.64 -35.94
C GLY I 100 -39.11 -2.58 -35.37
N GLY I 101 -39.82 -2.90 -34.31
CA GLY I 101 -40.70 -1.94 -33.65
C GLY I 101 -42.16 -2.15 -34.01
N THR I 102 -43.03 -1.78 -33.08
CA THR I 102 -44.47 -1.88 -33.25
C THR I 102 -45.09 -0.49 -33.32
N LYS I 103 -45.97 -0.28 -34.29
CA LYS I 103 -46.69 0.97 -34.45
C LYS I 103 -48.05 0.85 -33.78
N LEU I 104 -48.38 1.83 -32.95
CA LEU I 104 -49.63 1.80 -32.21
C LEU I 104 -50.37 3.14 -32.35
N GLU J 1 -32.93 20.00 -16.62
CA GLU J 1 -32.84 18.56 -16.50
C GLU J 1 -31.81 18.01 -17.47
N VAL J 2 -31.52 16.71 -17.36
CA VAL J 2 -30.55 16.05 -18.21
C VAL J 2 -31.04 16.12 -19.65
N GLN J 3 -30.12 16.39 -20.58
CA GLN J 3 -30.49 16.63 -21.97
C GLN J 3 -29.25 16.52 -22.86
N LEU J 4 -29.42 15.89 -24.01
CA LEU J 4 -28.38 15.81 -25.03
C LEU J 4 -28.85 16.57 -26.26
N GLN J 5 -28.09 17.57 -26.66
CA GLN J 5 -28.42 18.39 -27.82
C GLN J 5 -27.49 18.06 -28.97
N GLN J 6 -28.06 17.68 -30.10
CA GLN J 6 -27.29 17.29 -31.27
C GLN J 6 -27.34 18.38 -32.32
N SER J 7 -26.55 18.18 -33.38
CA SER J 7 -26.34 19.20 -34.40
C SER J 7 -27.47 19.22 -35.43
N GLY J 8 -27.27 19.94 -36.53
CA GLY J 8 -28.28 20.04 -37.57
C GLY J 8 -28.14 18.96 -38.62
N PRO J 9 -28.99 19.02 -39.65
CA PRO J 9 -29.02 17.94 -40.66
C PRO J 9 -27.70 17.69 -41.35
N GLU J 10 -26.99 18.76 -41.71
CA GLU J 10 -25.64 18.66 -42.29
C GLU J 10 -25.59 17.80 -43.54
N LEU J 11 -26.20 18.26 -44.63
CA LEU J 11 -26.13 17.59 -45.92
C LEU J 11 -24.69 17.52 -46.39
N VAL J 12 -24.25 16.34 -46.83
CA VAL J 12 -22.86 16.07 -47.17
C VAL J 12 -22.80 15.45 -48.56
N LYS J 13 -21.63 15.55 -49.20
CA LYS J 13 -21.39 14.86 -50.46
C LYS J 13 -20.85 13.45 -50.20
N PRO J 14 -21.10 12.51 -51.11
CA PRO J 14 -20.55 11.16 -50.95
C PRO J 14 -19.03 11.17 -50.95
N GLY J 15 -18.44 10.29 -50.15
CA GLY J 15 -17.00 10.20 -50.05
C GLY J 15 -16.36 11.21 -49.14
N ALA J 16 -17.13 12.11 -48.53
CA ALA J 16 -16.60 13.10 -47.62
C ALA J 16 -16.58 12.54 -46.20
N SER J 17 -16.34 13.42 -45.22
CA SER J 17 -16.41 13.06 -43.81
C SER J 17 -17.09 14.19 -43.07
N MET J 18 -18.02 13.85 -42.18
CA MET J 18 -18.79 14.85 -41.46
C MET J 18 -18.78 14.49 -39.98
N LYS J 19 -18.76 15.51 -39.13
CA LYS J 19 -18.63 15.34 -37.68
C LYS J 19 -19.94 15.69 -37.01
N ILE J 20 -20.45 14.77 -36.17
CA ILE J 20 -21.69 14.98 -35.44
C ILE J 20 -21.37 15.30 -33.99
N SER J 21 -22.10 16.25 -33.42
CA SER J 21 -21.86 16.73 -32.07
C SER J 21 -23.04 16.37 -31.17
N CYS J 22 -22.73 15.98 -29.94
CA CYS J 22 -23.72 15.70 -28.90
C CYS J 22 -23.29 16.44 -27.64
N LYS J 23 -23.89 17.58 -27.37
CA LYS J 23 -23.47 18.44 -26.27
C LYS J 23 -24.32 18.09 -25.04
N ALA J 24 -23.66 17.68 -23.96
CA ALA J 24 -24.37 17.22 -22.78
C ALA J 24 -24.44 18.32 -21.73
N SER J 25 -25.55 18.35 -20.98
CA SER J 25 -25.76 19.33 -19.92
C SER J 25 -26.56 18.71 -18.79
N GLY J 26 -26.43 19.32 -17.61
CA GLY J 26 -27.22 18.94 -16.47
C GLY J 26 -26.65 17.85 -15.59
N TYR J 27 -25.47 17.31 -15.91
CA TYR J 27 -24.91 16.23 -15.12
C TYR J 27 -23.42 16.18 -15.35
N SER J 28 -22.77 15.26 -14.63
CA SER J 28 -21.34 15.01 -14.82
C SER J 28 -21.14 14.24 -16.11
N PHE J 29 -20.42 14.84 -17.05
CA PHE J 29 -20.30 14.24 -18.38
C PHE J 29 -19.50 12.96 -18.35
N THR J 30 -18.43 12.91 -17.55
CA THR J 30 -17.50 11.79 -17.57
C THR J 30 -18.02 10.54 -16.85
N GLY J 31 -19.07 10.66 -16.06
CA GLY J 31 -19.51 9.50 -15.33
C GLY J 31 -20.48 8.61 -16.06
N TYR J 32 -20.66 8.82 -17.36
CA TYR J 32 -21.72 8.14 -18.09
C TYR J 32 -21.23 7.76 -19.47
N THR J 33 -21.30 6.48 -19.80
CA THR J 33 -20.93 6.02 -21.12
C THR J 33 -21.83 6.66 -22.16
N MET J 34 -21.26 7.04 -23.30
CA MET J 34 -22.01 7.63 -24.40
C MET J 34 -21.98 6.67 -25.59
N ASN J 35 -23.15 6.38 -26.13
CA ASN J 35 -23.26 5.52 -27.29
C ASN J 35 -23.75 6.33 -28.48
N TRP J 36 -23.58 5.77 -29.67
CA TRP J 36 -24.13 6.33 -30.90
C TRP J 36 -24.96 5.28 -31.61
N VAL J 37 -26.20 5.63 -31.93
CA VAL J 37 -27.19 4.70 -32.47
C VAL J 37 -27.72 5.26 -33.78
N LYS J 38 -27.74 4.42 -34.81
CA LYS J 38 -28.08 4.82 -36.16
C LYS J 38 -29.46 4.30 -36.53
N GLN J 39 -30.29 5.18 -37.08
CA GLN J 39 -31.67 4.84 -37.46
C GLN J 39 -31.76 4.96 -38.98
N SER J 40 -31.55 3.84 -39.68
CA SER J 40 -31.59 3.85 -41.14
C SER J 40 -32.66 2.90 -41.66
N HIS J 41 -32.77 2.79 -42.98
CA HIS J 41 -33.79 1.97 -43.63
C HIS J 41 -35.18 2.32 -43.11
N GLY J 42 -35.47 3.61 -43.01
CA GLY J 42 -36.77 4.05 -42.55
C GLY J 42 -36.85 4.22 -41.05
N LYS J 43 -36.86 3.10 -40.32
CA LYS J 43 -36.91 3.18 -38.86
C LYS J 43 -36.04 2.15 -38.15
N ASN J 44 -35.27 1.35 -38.86
CA ASN J 44 -34.44 0.33 -38.23
C ASN J 44 -33.35 0.98 -37.40
N LEU J 45 -33.33 0.65 -36.12
CA LEU J 45 -32.34 1.17 -35.19
C LEU J 45 -31.20 0.17 -35.06
N GLU J 46 -29.96 0.67 -35.08
CA GLU J 46 -28.79 -0.18 -34.95
C GLU J 46 -27.78 0.51 -34.04
N TRP J 47 -27.02 -0.28 -33.29
CA TRP J 47 -26.03 0.26 -32.38
C TRP J 47 -24.66 0.26 -33.05
N MET J 48 -23.94 1.37 -32.89
CA MET J 48 -22.76 1.62 -33.70
C MET J 48 -21.46 1.58 -32.90
N GLY J 49 -21.40 2.27 -31.77
CA GLY J 49 -20.23 2.16 -30.91
C GLY J 49 -20.41 3.00 -29.68
N LEU J 50 -19.68 2.63 -28.63
CA LEU J 50 -19.73 3.35 -27.37
C LEU J 50 -18.36 3.90 -27.06
N ILE J 51 -18.34 5.09 -26.45
CA ILE J 51 -17.10 5.73 -26.05
C ILE J 51 -17.20 6.08 -24.58
N ASN J 52 -16.20 5.68 -23.81
CA ASN J 52 -16.16 5.95 -22.38
C ASN J 52 -15.62 7.35 -22.17
N PRO J 53 -16.46 8.35 -21.92
CA PRO J 53 -15.99 9.74 -22.00
C PRO J 53 -14.85 10.08 -21.05
N TYR J 54 -14.84 9.48 -19.87
CA TYR J 54 -13.79 9.78 -18.91
C TYR J 54 -12.45 9.18 -19.34
N LYS J 55 -12.48 8.31 -20.34
CA LYS J 55 -11.28 7.58 -20.73
C LYS J 55 -10.90 7.78 -22.18
N GLY J 56 -11.86 7.94 -23.08
CA GLY J 56 -11.59 7.97 -24.49
C GLY J 56 -11.48 6.62 -25.14
N VAL J 57 -11.65 5.54 -24.40
CA VAL J 57 -11.61 4.19 -24.96
C VAL J 57 -12.97 3.88 -25.54
N SER J 58 -12.98 3.36 -26.77
CA SER J 58 -14.22 3.10 -27.49
C SER J 58 -14.29 1.65 -27.93
N THR J 59 -15.43 1.02 -27.67
CA THR J 59 -15.74 -0.31 -28.16
C THR J 59 -16.67 -0.15 -29.36
N TYR J 60 -16.40 -0.88 -30.42
CA TYR J 60 -17.09 -0.67 -31.68
C TYR J 60 -17.87 -1.91 -32.06
N ASN J 61 -19.00 -1.71 -32.70
CA ASN J 61 -19.75 -2.80 -33.29
C ASN J 61 -19.12 -3.15 -34.62
N GLN J 62 -18.84 -4.44 -34.83
CA GLN J 62 -17.96 -4.85 -35.92
C GLN J 62 -18.47 -4.38 -37.27
N LYS J 63 -19.78 -4.16 -37.38
CA LYS J 63 -20.34 -3.66 -38.63
C LYS J 63 -19.91 -2.23 -38.94
N PHE J 64 -19.63 -1.42 -37.92
CA PHE J 64 -19.34 -0.01 -38.14
C PHE J 64 -17.98 0.38 -37.60
N LYS J 65 -17.09 -0.59 -37.42
CA LYS J 65 -15.76 -0.28 -36.89
C LYS J 65 -14.93 0.50 -37.90
N ASP J 66 -15.26 0.40 -39.19
CA ASP J 66 -14.56 1.12 -40.24
C ASP J 66 -15.35 2.29 -40.81
N LYS J 67 -16.52 2.59 -40.25
CA LYS J 67 -17.33 3.69 -40.76
C LYS J 67 -17.51 4.83 -39.77
N ALA J 68 -17.08 4.65 -38.52
CA ALA J 68 -17.24 5.69 -37.51
C ALA J 68 -16.04 5.69 -36.58
N THR J 69 -15.60 6.88 -36.18
CA THR J 69 -14.64 7.03 -35.11
C THR J 69 -15.21 8.01 -34.10
N LEU J 70 -15.03 7.70 -32.82
CA LEU J 70 -15.69 8.44 -31.74
C LEU J 70 -14.66 9.20 -30.92
N THR J 71 -14.90 10.50 -30.75
CA THR J 71 -14.04 11.35 -29.95
C THR J 71 -14.88 12.14 -28.96
N VAL J 72 -14.26 12.52 -27.86
CA VAL J 72 -14.94 13.15 -26.74
C VAL J 72 -14.16 14.37 -26.30
N ASP J 73 -14.87 15.48 -26.10
CA ASP J 73 -14.26 16.72 -25.61
C ASP J 73 -14.80 16.92 -24.20
N LYS J 74 -14.00 16.55 -23.20
CA LYS J 74 -14.44 16.65 -21.82
C LYS J 74 -14.59 18.10 -21.37
N SER J 75 -13.89 19.03 -22.01
CA SER J 75 -13.97 20.43 -21.63
C SER J 75 -15.36 21.00 -21.85
N SER J 76 -15.96 20.73 -23.00
CA SER J 76 -17.29 21.23 -23.32
C SER J 76 -18.38 20.21 -23.07
N SER J 77 -18.04 19.04 -22.52
CA SER J 77 -19.00 17.97 -22.25
C SER J 77 -19.70 17.53 -23.53
N THR J 78 -18.98 17.59 -24.64
CA THR J 78 -19.54 17.31 -25.96
C THR J 78 -18.92 16.04 -26.50
N ALA J 79 -19.76 15.14 -26.99
CA ALA J 79 -19.31 13.93 -27.67
C ALA J 79 -19.26 14.21 -29.16
N TYR J 80 -18.32 13.59 -29.85
CA TYR J 80 -18.10 13.84 -31.27
C TYR J 80 -18.03 12.52 -32.00
N MET J 81 -18.56 12.49 -33.21
CA MET J 81 -18.45 11.32 -34.08
C MET J 81 -18.03 11.74 -35.48
N GLU J 82 -17.07 11.04 -36.05
CA GLU J 82 -16.65 11.22 -37.43
C GLU J 82 -17.12 10.04 -38.26
N LEU J 83 -17.96 10.31 -39.25
CA LEU J 83 -18.31 9.33 -40.27
C LEU J 83 -17.47 9.60 -41.51
N LEU J 84 -16.64 8.63 -41.89
CA LEU J 84 -15.67 8.81 -42.96
C LEU J 84 -16.10 8.02 -44.18
N SER J 85 -15.93 8.62 -45.37
CA SER J 85 -16.33 8.02 -46.63
C SER J 85 -17.81 7.66 -46.61
N LEU J 86 -18.66 8.64 -46.31
CA LEU J 86 -20.09 8.38 -46.15
C LEU J 86 -20.75 8.26 -47.53
N THR J 87 -21.17 7.05 -47.87
CA THR J 87 -21.90 6.80 -49.11
C THR J 87 -23.38 7.01 -48.89
N SER J 88 -24.21 6.57 -49.84
CA SER J 88 -25.65 6.74 -49.74
C SER J 88 -26.29 5.86 -48.67
N GLU J 89 -25.60 4.81 -48.22
CA GLU J 89 -26.15 3.93 -47.21
C GLU J 89 -26.07 4.57 -45.83
N ASP J 90 -25.20 5.57 -45.68
CA ASP J 90 -24.99 6.24 -44.41
C ASP J 90 -25.99 7.35 -44.15
N SER J 91 -26.90 7.60 -45.09
CA SER J 91 -27.93 8.62 -44.92
C SER J 91 -28.98 8.12 -43.93
N ALA J 92 -29.02 8.72 -42.76
CA ALA J 92 -29.92 8.26 -41.71
C ALA J 92 -30.01 9.32 -40.63
N VAL J 93 -30.66 8.97 -39.53
CA VAL J 93 -30.73 9.82 -38.34
C VAL J 93 -29.83 9.19 -37.28
N TYR J 94 -28.96 9.99 -36.70
CA TYR J 94 -27.99 9.51 -35.73
C TYR J 94 -28.30 10.08 -34.35
N TYR J 95 -28.47 9.17 -33.38
CA TYR J 95 -28.76 9.54 -32.01
C TYR J 95 -27.57 9.24 -31.13
N CYS J 96 -27.36 10.10 -30.13
CA CYS J 96 -26.38 9.86 -29.09
C CYS J 96 -27.12 9.46 -27.82
N ALA J 97 -26.78 8.32 -27.26
CA ALA J 97 -27.52 7.72 -26.17
C ALA J 97 -26.63 7.61 -24.96
N ARG J 98 -27.15 7.97 -23.80
CA ARG J 98 -26.40 7.92 -22.55
C ARG J 98 -26.77 6.67 -21.76
N SER J 99 -25.76 5.94 -21.31
CA SER J 99 -25.97 4.82 -20.41
C SER J 99 -24.95 4.89 -19.29
N GLY J 100 -25.08 3.98 -18.33
CA GLY J 100 -24.22 4.05 -17.16
C GLY J 100 -22.78 3.75 -17.48
N TYR J 101 -21.90 4.07 -16.53
CA TYR J 101 -20.48 3.85 -16.76
C TYR J 101 -20.12 2.37 -16.67
N TYR J 102 -20.63 1.68 -15.67
CA TYR J 102 -20.12 0.36 -15.32
C TYR J 102 -20.90 -0.74 -16.01
N GLY J 103 -20.41 -1.96 -15.83
CA GLY J 103 -20.96 -3.11 -16.53
C GLY J 103 -22.33 -3.52 -16.06
N ASP J 104 -22.82 -2.95 -14.97
CA ASP J 104 -24.15 -3.33 -14.50
C ASP J 104 -25.26 -2.42 -14.99
N SER J 105 -24.93 -1.23 -15.51
CA SER J 105 -25.98 -0.33 -16.01
C SER J 105 -25.61 0.36 -17.31
N ASP J 106 -24.74 -0.22 -18.13
CA ASP J 106 -24.33 0.39 -19.40
C ASP J 106 -25.03 -0.21 -20.61
N TRP J 107 -26.00 -1.09 -20.42
CA TRP J 107 -26.71 -1.73 -21.52
C TRP J 107 -28.10 -1.17 -21.75
N TYR J 108 -28.51 -0.13 -21.03
CA TYR J 108 -29.75 0.58 -21.33
C TYR J 108 -29.47 2.06 -21.42
N PHE J 109 -30.05 2.71 -22.42
CA PHE J 109 -29.74 4.09 -22.74
C PHE J 109 -30.87 4.97 -22.20
N ASP J 110 -30.66 5.50 -20.99
CA ASP J 110 -31.73 6.22 -20.31
C ASP J 110 -32.07 7.51 -21.04
N VAL J 111 -31.08 8.26 -21.51
CA VAL J 111 -31.29 9.58 -22.07
C VAL J 111 -30.84 9.58 -23.52
N TRP J 112 -31.72 9.99 -24.42
CA TRP J 112 -31.44 10.06 -25.84
C TRP J 112 -31.43 11.50 -26.32
N GLY J 113 -30.67 11.73 -27.39
CA GLY J 113 -30.70 13.00 -28.09
C GLY J 113 -31.85 13.07 -29.06
N GLN J 114 -32.07 14.25 -29.62
CA GLN J 114 -33.17 14.45 -30.54
C GLN J 114 -32.92 13.79 -31.90
N GLY J 115 -31.66 13.69 -32.30
CA GLY J 115 -31.32 13.01 -33.55
C GLY J 115 -30.81 14.00 -34.58
N THR J 116 -29.71 13.63 -35.24
CA THR J 116 -29.15 14.41 -36.33
C THR J 116 -29.37 13.64 -37.62
N THR J 117 -30.04 14.28 -38.57
CA THR J 117 -30.46 13.63 -39.82
C THR J 117 -29.44 13.95 -40.89
N LEU J 118 -28.41 13.12 -40.99
CA LEU J 118 -27.37 13.28 -42.00
C LEU J 118 -27.85 12.63 -43.30
N THR J 119 -27.79 13.38 -44.39
CA THR J 119 -28.19 12.91 -45.71
C THR J 119 -26.99 13.05 -46.65
N VAL J 120 -26.80 12.08 -47.53
CA VAL J 120 -25.67 12.07 -48.45
C VAL J 120 -26.21 12.17 -49.87
N PHE J 121 -25.83 13.25 -50.57
CA PHE J 121 -26.19 13.43 -51.97
C PHE J 121 -25.08 14.17 -52.72
#